data_3WQ6
#
_entry.id   3WQ6
#
_cell.length_a   59.112
_cell.length_b   89.875
_cell.length_c   195.620
_cell.angle_alpha   90.00
_cell.angle_beta   90.00
_cell.angle_gamma   90.00
#
_symmetry.space_group_name_H-M   'P 21 21 21'
#
loop_
_entity.id
_entity.type
_entity.pdbx_description
1 polymer beta-primeverosidase
2 branched beta-D-mannopyranose-(1-4)-2-acetamido-2-deoxy-beta-D-glucopyranose-(1-4)-[alpha-L-fucopyranose-(1-6)]2-acetamido-2-deoxy-beta-D-glucopyranose
3 branched 2-acetamido-2-deoxy-beta-D-glucopyranose-(1-4)-2-acetamido-2-deoxy-beta-D-glucopyranose
4 non-polymer 4-(N-benzylsuccinimide-3-sulfanyl)-N-(6-O-beta-D-xylopyranosyl-beta-D-glucopyranosyl)butylamidine
5 non-polymer 2-acetamido-2-deoxy-beta-D-glucopyranose
6 water water
#
_entity_poly.entity_id   1
_entity_poly.type   'polypeptide(L)'
_entity_poly.pdbx_seq_one_letter_code
;MMAAKGSVVVGVLAIVAYALVVSEVAIAAQISSFNRTSFPDGFVFGAASSAYQFEGAAKEGGKGPNIWDTFTHEFPGKIS
NGSTGDVADDFYHRYKEDVKVLKFIGLDGFRMSISWARVLPRGKLSGGVNKEGIAFYNNVINDLLSKGIQPFITIFHWDL
PQALEDEYGGFLSPHIVNDFRDFAELCFKEFGDRVKHWITMNEPWSYSYGGYDAGLLAPGRCSAFMAFCPKGNSGTEPYI
VTHNLLLSHAAAVKLYKEKYQAYQKGQIGITLVTYWMIPYSNSKADKDAAQRALDFMYGWFIEPLSFGEYPKSMRRLVGK
RLPRFTKEQAMLVKGSFDFLGLNYYIANYVLNVPTSNSVNLSYTTDSLSNQTAFRNGVAIGRPTGVPAFFMYPKGLKDLL
VYTKEKYNDPVIYITENGMGDNNNVTTEEGIKDPQRVYFYNQHLLSLKNAIAAGVKVKGYFTWAFLDNFEWLSGYTQRFG
IVYVDFKDGLKRYPKHSALWFKKFLLK
;
_entity_poly.pdbx_strand_id   A,B
#
loop_
_chem_comp.id
_chem_comp.type
_chem_comp.name
_chem_comp.formula
BMA D-saccharide, beta linking beta-D-mannopyranose 'C6 H12 O6'
FUC L-saccharide, alpha linking alpha-L-fucopyranose 'C6 H12 O5'
NAG D-saccharide, beta linking 2-acetamido-2-deoxy-beta-D-glucopyranose 'C8 H15 N O6'
ZPA non-polymer 4-(N-benzylsuccinimide-3-sulfanyl)-N-(6-O-beta-D-xylopyranosyl-beta-D-glucopyranosyl)butylamidine 'C26 H37 N3 O11 S'
#
# COMPACT_ATOMS: atom_id res chain seq x y z
N SER A 32 -1.16 -8.82 29.86
CA SER A 32 -1.40 -8.66 28.43
C SER A 32 -2.40 -7.55 28.14
N SER A 33 -2.05 -6.67 27.21
CA SER A 33 -2.96 -5.61 26.78
C SER A 33 -2.57 -5.08 25.42
N PHE A 34 -3.52 -4.39 24.78
CA PHE A 34 -3.34 -3.69 23.51
C PHE A 34 -1.97 -3.01 23.47
N ASN A 35 -1.15 -3.33 22.47
CA ASN A 35 0.20 -2.77 22.37
C ASN A 35 0.65 -2.54 20.92
N ARG A 36 1.86 -2.00 20.75
CA ARG A 36 2.30 -1.53 19.44
C ARG A 36 2.54 -2.64 18.42
N THR A 37 2.60 -3.89 18.86
CA THR A 37 2.83 -5.00 17.93
C THR A 37 1.62 -5.23 17.02
N SER A 38 0.48 -4.61 17.35
CA SER A 38 -0.71 -4.70 16.51
C SER A 38 -0.62 -3.77 15.30
N PHE A 39 0.40 -2.92 15.30
CA PHE A 39 0.61 -1.97 14.21
C PHE A 39 1.81 -2.41 13.36
N PRO A 40 1.92 -1.88 12.12
CA PRO A 40 3.01 -2.28 11.23
C PRO A 40 4.40 -2.08 11.84
N ASP A 41 5.36 -2.91 11.44
CA ASP A 41 6.74 -2.72 11.88
C ASP A 41 7.20 -1.33 11.43
N GLY A 42 7.90 -0.63 12.32
CA GLY A 42 8.45 0.67 11.97
C GLY A 42 7.46 1.82 12.06
N PHE A 43 6.23 1.51 12.45
CA PHE A 43 5.20 2.54 12.65
C PHE A 43 5.71 3.56 13.66
N VAL A 44 5.52 4.84 13.36
CA VAL A 44 6.03 5.89 14.24
C VAL A 44 4.97 6.39 15.21
N PHE A 45 5.18 6.13 16.50
CA PHE A 45 4.32 6.69 17.53
C PHE A 45 5.01 7.90 18.15
N GLY A 46 4.30 9.02 18.20
CA GLY A 46 4.88 10.23 18.73
C GLY A 46 3.92 11.11 19.51
N ALA A 47 4.42 12.26 19.96
CA ALA A 47 3.59 13.29 20.56
C ALA A 47 3.85 14.59 19.83
N ALA A 48 2.92 15.53 19.91
CA ALA A 48 3.01 16.75 19.12
C ALA A 48 3.06 18.01 19.98
N SER A 49 3.56 19.09 19.37
CA SER A 49 3.72 20.39 20.00
C SER A 49 3.77 21.45 18.92
N SER A 50 3.72 22.71 19.31
CA SER A 50 3.97 23.82 18.39
C SER A 50 4.72 24.92 19.13
N ALA A 51 5.41 25.76 18.37
CA ALA A 51 6.33 26.73 18.94
C ALA A 51 5.63 27.75 19.84
N TYR A 52 4.62 28.44 19.34
CA TYR A 52 4.01 29.48 20.15
C TYR A 52 3.34 28.89 21.39
N GLN A 53 2.79 27.69 21.25
CA GLN A 53 2.06 27.08 22.35
C GLN A 53 2.96 26.53 23.44
N PHE A 54 4.22 26.24 23.12
CA PHE A 54 5.11 25.56 24.07
C PHE A 54 6.31 26.39 24.54
N GLU A 55 6.89 27.17 23.64
CA GLU A 55 8.25 27.65 23.87
C GLU A 55 8.41 28.69 24.97
N GLY A 56 7.57 29.71 24.93
CA GLY A 56 7.80 30.89 25.76
C GLY A 56 9.00 31.64 25.19
N ALA A 57 9.74 32.33 26.06
CA ALA A 57 10.88 33.16 25.63
C ALA A 57 10.50 34.01 24.42
N ALA A 58 9.30 34.59 24.48
CA ALA A 58 8.72 35.26 23.32
C ALA A 58 9.55 36.47 22.89
N LYS A 59 10.21 37.11 23.85
CA LYS A 59 11.06 38.27 23.58
C LYS A 59 12.51 38.00 23.97
N GLU A 60 12.90 36.73 24.01
CA GLU A 60 14.25 36.36 24.42
C GLU A 60 15.04 35.70 23.30
N GLY A 61 16.36 35.67 23.47
CA GLY A 61 17.24 34.97 22.55
C GLY A 61 17.23 35.52 21.14
N GLY A 62 17.00 36.83 21.02
CA GLY A 62 17.03 37.49 19.72
C GLY A 62 15.75 37.36 18.91
N LYS A 63 14.74 36.69 19.45
CA LYS A 63 13.48 36.49 18.72
C LYS A 63 12.73 37.79 18.46
N GLY A 64 12.16 37.93 17.27
CA GLY A 64 11.32 39.07 16.94
C GLY A 64 9.84 38.78 17.16
N PRO A 65 8.99 39.81 17.09
CA PRO A 65 7.56 39.63 17.35
C PRO A 65 6.85 38.83 16.25
N ASN A 66 5.86 38.03 16.62
CA ASN A 66 4.99 37.40 15.64
C ASN A 66 3.53 37.81 15.87
N ILE A 67 2.64 37.39 14.98
CA ILE A 67 1.28 37.87 15.03
C ILE A 67 0.52 37.35 16.26
N TRP A 68 1.02 36.30 16.89
CA TRP A 68 0.36 35.79 18.09
C TRP A 68 0.80 36.57 19.33
N ASP A 69 2.07 36.99 19.38
CA ASP A 69 2.48 37.98 20.37
C ASP A 69 1.54 39.17 20.31
N THR A 70 1.36 39.68 19.10
CA THR A 70 0.56 40.87 18.88
C THR A 70 -0.91 40.65 19.24
N PHE A 71 -1.47 39.54 18.77
CA PHE A 71 -2.88 39.22 18.98
C PHE A 71 -3.24 39.06 20.47
N THR A 72 -2.44 38.27 21.19
CA THR A 72 -2.73 38.02 22.60
C THR A 72 -2.58 39.28 23.44
N HIS A 73 -1.64 40.14 23.06
CA HIS A 73 -1.39 41.39 23.79
C HIS A 73 -2.47 42.43 23.52
N GLU A 74 -2.90 42.53 22.26
CA GLU A 74 -3.82 43.59 21.86
C GLU A 74 -5.28 43.19 21.97
N PHE A 75 -5.57 41.89 22.03
CA PHE A 75 -6.95 41.43 22.20
C PHE A 75 -7.11 40.39 23.32
N PRO A 76 -6.83 40.80 24.57
CA PRO A 76 -6.96 39.90 25.72
C PRO A 76 -8.39 39.38 25.90
N GLY A 77 -9.38 40.10 25.38
CA GLY A 77 -10.76 39.65 25.43
C GLY A 77 -11.03 38.43 24.58
N LYS A 78 -10.10 38.13 23.67
CA LYS A 78 -10.27 37.00 22.76
C LYS A 78 -9.50 35.76 23.20
N ILE A 79 -8.83 35.87 24.35
CA ILE A 79 -8.16 34.73 24.99
C ILE A 79 -8.75 34.50 26.37
N SER A 80 -9.14 33.27 26.68
CA SER A 80 -9.67 32.97 28.02
C SER A 80 -8.70 33.44 29.11
N ASN A 81 -9.25 34.16 30.09
CA ASN A 81 -8.50 34.79 31.19
C ASN A 81 -7.41 35.76 30.78
N GLY A 82 -7.45 36.22 29.54
CA GLY A 82 -6.48 37.18 29.04
C GLY A 82 -5.05 36.68 29.14
N SER A 83 -4.84 35.41 28.83
CA SER A 83 -3.52 34.79 28.88
C SER A 83 -2.71 35.04 27.60
N THR A 84 -1.42 34.72 27.65
CA THR A 84 -0.55 34.80 26.48
C THR A 84 0.40 33.62 26.42
N GLY A 85 1.11 33.49 25.32
CA GLY A 85 2.21 32.55 25.22
C GLY A 85 3.56 33.16 25.52
N ASP A 86 3.58 34.25 26.27
CA ASP A 86 4.85 34.90 26.65
C ASP A 86 5.81 33.89 27.27
N VAL A 87 5.26 33.04 28.13
CA VAL A 87 6.05 32.03 28.83
C VAL A 87 5.62 30.62 28.42
N ALA A 88 4.31 30.40 28.25
CA ALA A 88 3.80 29.08 27.88
C ALA A 88 4.35 27.98 28.79
N ASP A 89 4.90 26.92 28.21
CA ASP A 89 5.53 25.85 28.97
C ASP A 89 7.01 26.12 29.27
N ASP A 90 7.53 27.22 28.73
CA ASP A 90 8.96 27.54 28.81
C ASP A 90 9.81 26.40 28.24
N PHE A 91 9.30 25.75 27.19
CA PHE A 91 10.01 24.67 26.52
C PHE A 91 11.35 25.18 25.96
N TYR A 92 11.44 26.47 25.69
CA TYR A 92 12.69 27.08 25.22
C TYR A 92 13.84 26.86 26.19
N HIS A 93 13.57 26.95 27.49
CA HIS A 93 14.61 26.72 28.49
C HIS A 93 14.60 25.31 29.09
N ARG A 94 13.45 24.64 29.04
CA ARG A 94 13.25 23.36 29.72
CA ARG A 94 13.33 23.36 29.73
C ARG A 94 13.35 22.16 28.79
N TYR A 95 13.75 22.38 27.54
CA TYR A 95 13.69 21.30 26.55
C TYR A 95 14.48 20.04 26.94
N LYS A 96 15.62 20.18 27.61
CA LYS A 96 16.41 18.99 27.96
C LYS A 96 15.65 18.07 28.90
N GLU A 97 14.99 18.63 29.90
CA GLU A 97 14.18 17.82 30.81
C GLU A 97 12.96 17.24 30.09
N ASP A 98 12.38 18.03 29.18
CA ASP A 98 11.22 17.56 28.41
C ASP A 98 11.57 16.40 27.49
N VAL A 99 12.74 16.46 26.85
CA VAL A 99 13.15 15.38 25.95
C VAL A 99 13.35 14.10 26.77
N LYS A 100 13.77 14.24 28.02
CA LYS A 100 13.90 13.08 28.89
C LYS A 100 12.54 12.45 29.16
N VAL A 101 11.49 13.27 29.23
CA VAL A 101 10.13 12.74 29.41
C VAL A 101 9.69 11.97 28.18
N LEU A 102 9.98 12.51 27.00
CA LEU A 102 9.67 11.83 25.74
C LEU A 102 10.30 10.44 25.69
N LYS A 103 11.55 10.35 26.13
CA LYS A 103 12.28 9.09 26.18
C LYS A 103 11.66 8.13 27.21
N PHE A 104 11.29 8.70 28.36
CA PHE A 104 10.62 7.94 29.41
C PHE A 104 9.33 7.28 28.91
N ILE A 105 8.56 8.02 28.14
CA ILE A 105 7.34 7.46 27.55
C ILE A 105 7.71 6.41 26.49
N GLY A 106 8.81 6.62 25.79
CA GLY A 106 9.29 5.64 24.82
C GLY A 106 8.87 5.92 23.39
N LEU A 107 8.64 7.19 23.08
CA LEU A 107 8.11 7.59 21.77
C LEU A 107 9.13 7.45 20.64
N ASP A 108 8.63 7.17 19.44
CA ASP A 108 9.46 7.02 18.24
C ASP A 108 9.76 8.37 17.59
N GLY A 109 8.83 9.29 17.74
CA GLY A 109 8.90 10.56 17.04
C GLY A 109 8.35 11.70 17.87
N PHE A 110 8.71 12.91 17.48
CA PHE A 110 8.22 14.11 18.15
C PHE A 110 7.94 15.16 17.09
N ARG A 111 6.70 15.65 17.09
CA ARG A 111 6.31 16.70 16.17
C ARG A 111 6.43 18.06 16.87
N MET A 112 7.16 18.98 16.25
CA MET A 112 7.39 20.30 16.82
C MET A 112 7.49 21.29 15.67
N SER A 113 7.32 22.58 15.95
CA SER A 113 7.39 23.55 14.87
C SER A 113 8.52 24.57 15.07
N ILE A 114 8.89 25.21 13.97
CA ILE A 114 9.90 26.26 13.98
C ILE A 114 9.24 27.63 14.11
N SER A 115 9.64 28.40 15.12
CA SER A 115 9.18 29.79 15.23
C SER A 115 9.88 30.65 14.19
N TRP A 116 9.13 31.01 13.16
CA TRP A 116 9.64 31.84 12.06
C TRP A 116 10.37 33.09 12.58
N ALA A 117 9.75 33.80 13.51
CA ALA A 117 10.33 35.05 14.00
C ALA A 117 11.47 34.82 14.98
N ARG A 118 11.65 33.58 15.45
CA ARG A 118 12.81 33.28 16.27
C ARG A 118 14.06 33.14 15.40
N VAL A 119 13.92 32.51 14.25
CA VAL A 119 15.08 32.30 13.38
C VAL A 119 15.28 33.45 12.39
N LEU A 120 14.17 34.10 12.01
CA LEU A 120 14.21 35.26 11.13
C LEU A 120 13.38 36.39 11.74
N PRO A 121 13.99 37.15 12.64
CA PRO A 121 13.22 38.14 13.42
C PRO A 121 12.55 39.23 12.56
N ARG A 122 13.04 39.44 11.35
CA ARG A 122 12.44 40.43 10.45
C ARG A 122 11.69 39.76 9.29
N GLY A 123 11.42 38.45 9.46
CA GLY A 123 10.62 37.73 8.49
C GLY A 123 11.40 37.35 7.24
N LYS A 124 11.90 38.36 6.53
CA LYS A 124 12.68 38.17 5.32
C LYS A 124 14.07 37.61 5.61
N LEU A 125 14.56 36.76 4.72
CA LEU A 125 15.94 36.26 4.81
C LEU A 125 16.94 37.42 4.82
N SER A 126 16.67 38.44 4.02
CA SER A 126 17.56 39.59 3.92
C SER A 126 17.61 40.40 5.23
N GLY A 127 16.64 40.16 6.11
CA GLY A 127 16.60 40.78 7.41
C GLY A 127 17.56 40.13 8.39
N GLY A 128 18.10 38.98 8.00
CA GLY A 128 19.13 38.32 8.76
C GLY A 128 18.68 37.13 9.59
N VAL A 129 19.57 36.15 9.71
CA VAL A 129 19.31 34.95 10.49
C VAL A 129 19.81 35.10 11.92
N ASN A 130 18.93 34.84 12.88
CA ASN A 130 19.27 34.87 14.29
C ASN A 130 20.02 33.60 14.72
N LYS A 131 21.34 33.71 14.93
CA LYS A 131 22.14 32.51 15.25
C LYS A 131 21.66 31.81 16.52
N GLU A 132 21.20 32.58 17.49
CA GLU A 132 20.75 32.02 18.75
C GLU A 132 19.48 31.20 18.56
N GLY A 133 18.66 31.59 17.60
CA GLY A 133 17.44 30.85 17.28
C GLY A 133 17.74 29.54 16.58
N ILE A 134 18.66 29.58 15.63
CA ILE A 134 19.12 28.37 14.95
C ILE A 134 19.70 27.39 15.97
N ALA A 135 20.49 27.92 16.90
CA ALA A 135 21.14 27.11 17.92
C ALA A 135 20.14 26.38 18.80
N PHE A 136 19.04 27.04 19.15
CA PHE A 136 18.01 26.38 19.96
C PHE A 136 17.44 25.16 19.26
N TYR A 137 17.02 25.33 18.01
CA TYR A 137 16.44 24.20 17.30
C TYR A 137 17.45 23.09 17.05
N ASN A 138 18.69 23.44 16.72
CA ASN A 138 19.74 22.43 16.64
C ASN A 138 19.90 21.69 17.96
N ASN A 139 19.89 22.42 19.07
CA ASN A 139 20.01 21.78 20.37
C ASN A 139 18.88 20.78 20.63
N VAL A 140 17.65 21.16 20.30
CA VAL A 140 16.51 20.28 20.53
C VAL A 140 16.62 19.04 19.64
N ILE A 141 16.91 19.26 18.37
CA ILE A 141 17.00 18.17 17.42
C ILE A 141 18.10 17.17 17.81
N ASN A 142 19.26 17.68 18.19
CA ASN A 142 20.37 16.79 18.56
C ASN A 142 20.07 16.00 19.82
N ASP A 143 19.32 16.60 20.74
CA ASP A 143 18.94 15.89 21.95
C ASP A 143 17.89 14.82 21.63
N LEU A 144 16.90 15.17 20.81
CA LEU A 144 15.89 14.21 20.36
C LEU A 144 16.54 12.98 19.73
N LEU A 145 17.48 13.22 18.82
CA LEU A 145 18.12 12.12 18.12
C LEU A 145 18.94 11.23 19.07
N SER A 146 19.50 11.82 20.13
CA SER A 146 20.28 11.03 21.08
C SER A 146 19.38 10.07 21.85
N LYS A 147 18.08 10.37 21.88
CA LYS A 147 17.10 9.49 22.50
C LYS A 147 16.45 8.55 21.49
N GLY A 148 16.92 8.61 20.24
CA GLY A 148 16.38 7.79 19.18
C GLY A 148 15.00 8.25 18.74
N ILE A 149 14.71 9.53 18.95
CA ILE A 149 13.41 10.09 18.58
C ILE A 149 13.53 10.87 17.27
N GLN A 150 12.72 10.52 16.28
CA GLN A 150 12.72 11.24 15.00
C GLN A 150 11.96 12.57 15.08
N PRO A 151 12.64 13.68 14.75
CA PRO A 151 11.95 14.97 14.68
C PRO A 151 11.06 15.07 13.43
N PHE A 152 9.77 15.32 13.64
CA PHE A 152 8.87 15.66 12.55
C PHE A 152 8.64 17.15 12.63
N ILE A 153 9.20 17.91 11.71
CA ILE A 153 9.22 19.36 11.86
C ILE A 153 8.15 20.06 11.03
N THR A 154 7.24 20.74 11.71
CA THR A 154 6.31 21.67 11.07
C THR A 154 7.00 23.00 10.85
N ILE A 155 7.12 23.43 9.61
CA ILE A 155 7.81 24.69 9.33
C ILE A 155 6.95 25.88 9.82
N PHE A 156 5.65 25.85 9.51
CA PHE A 156 4.77 26.97 9.87
C PHE A 156 3.52 26.53 10.63
N HIS A 157 3.49 26.85 11.93
CA HIS A 157 2.32 26.57 12.76
C HIS A 157 1.73 27.89 13.27
N TRP A 158 1.44 28.78 12.31
CA TRP A 158 0.61 30.00 12.46
C TRP A 158 1.34 31.23 12.98
N ASP A 159 2.55 31.07 13.51
CA ASP A 159 3.22 32.21 14.17
C ASP A 159 4.02 33.04 13.18
N LEU A 160 3.30 33.71 12.29
CA LEU A 160 3.90 34.56 11.26
C LEU A 160 4.60 35.76 11.89
N PRO A 161 5.80 36.10 11.38
CA PRO A 161 6.50 37.28 11.88
C PRO A 161 5.68 38.56 11.68
N GLN A 162 5.64 39.41 12.69
CA GLN A 162 4.87 40.65 12.59
C GLN A 162 5.40 41.52 11.46
N ALA A 163 6.68 41.40 11.17
CA ALA A 163 7.31 42.19 10.12
C ALA A 163 6.66 41.94 8.75
N LEU A 164 6.27 40.70 8.51
CA LEU A 164 5.66 40.35 7.23
C LEU A 164 4.18 40.71 7.20
N GLU A 165 3.50 40.49 8.32
CA GLU A 165 2.13 40.95 8.46
C GLU A 165 2.06 42.46 8.24
N ASP A 166 3.00 43.20 8.83
CA ASP A 166 3.06 44.65 8.68
C ASP A 166 3.39 45.10 7.26
N GLU A 167 4.39 44.47 6.65
CA GLU A 167 4.87 44.93 5.35
C GLU A 167 3.82 44.83 4.25
N TYR A 168 3.16 43.68 4.15
CA TYR A 168 2.23 43.47 3.04
C TYR A 168 0.95 42.68 3.41
N GLY A 169 0.67 42.56 4.70
CA GLY A 169 -0.55 41.87 5.13
C GLY A 169 -0.43 40.36 5.19
N GLY A 170 0.79 39.86 5.30
CA GLY A 170 1.03 38.43 5.44
C GLY A 170 0.44 37.65 4.28
N PHE A 171 -0.38 36.65 4.61
CA PHE A 171 -0.90 35.75 3.57
C PHE A 171 -2.03 36.39 2.74
N LEU A 172 -2.35 37.65 3.00
CA LEU A 172 -3.23 38.38 2.09
C LEU A 172 -2.52 38.74 0.78
N SER A 173 -1.20 38.68 0.80
CA SER A 173 -0.40 39.10 -0.35
C SER A 173 0.37 37.97 -1.01
N PRO A 174 0.47 37.99 -2.35
CA PRO A 174 1.32 37.03 -3.07
C PRO A 174 2.80 37.14 -2.66
N HIS A 175 3.19 38.25 -2.05
CA HIS A 175 4.56 38.43 -1.58
C HIS A 175 4.96 37.41 -0.51
N ILE A 176 3.98 36.79 0.13
CA ILE A 176 4.28 35.84 1.20
C ILE A 176 5.02 34.63 0.66
N VAL A 177 4.75 34.27 -0.60
CA VAL A 177 5.26 33.03 -1.16
C VAL A 177 6.79 32.98 -1.16
N ASN A 178 7.43 34.03 -1.66
CA ASN A 178 8.89 34.08 -1.73
C ASN A 178 9.52 34.08 -0.36
N ASP A 179 8.92 34.79 0.60
CA ASP A 179 9.44 34.81 1.95
C ASP A 179 9.23 33.45 2.62
N PHE A 180 8.08 32.82 2.37
CA PHE A 180 7.83 31.49 2.90
C PHE A 180 8.88 30.51 2.35
N ARG A 181 9.14 30.59 1.05
CA ARG A 181 10.12 29.73 0.41
C ARG A 181 11.50 29.87 1.05
N ASP A 182 11.89 31.10 1.36
CA ASP A 182 13.21 31.37 1.94
C ASP A 182 13.30 30.85 3.37
N PHE A 183 12.22 30.97 4.12
CA PHE A 183 12.13 30.42 5.47
C PHE A 183 12.28 28.89 5.43
N ALA A 184 11.52 28.25 4.55
CA ALA A 184 11.63 26.81 4.37
C ALA A 184 13.05 26.43 4.00
N GLU A 185 13.65 27.17 3.06
CA GLU A 185 15.00 26.84 2.62
C GLU A 185 15.99 26.92 3.78
N LEU A 186 15.84 27.93 4.62
CA LEU A 186 16.69 28.08 5.79
C LEU A 186 16.61 26.84 6.68
N CYS A 187 15.39 26.33 6.83
CA CYS A 187 15.18 25.14 7.63
C CYS A 187 15.83 23.92 6.99
N PHE A 188 15.69 23.80 5.68
CA PHE A 188 16.29 22.67 4.96
C PHE A 188 17.81 22.70 5.10
N LYS A 189 18.38 23.88 4.93
CA LYS A 189 19.85 24.03 4.97
C LYS A 189 20.43 23.78 6.36
N GLU A 190 19.79 24.33 7.38
CA GLU A 190 20.33 24.23 8.74
C GLU A 190 20.01 22.90 9.43
N PHE A 191 18.87 22.31 9.12
CA PHE A 191 18.42 21.13 9.88
C PHE A 191 18.23 19.86 9.06
N GLY A 192 18.23 19.98 7.74
CA GLY A 192 17.85 18.88 6.87
C GLY A 192 18.81 17.70 6.84
N ASP A 193 19.99 17.88 7.40
CA ASP A 193 20.93 16.77 7.47
C ASP A 193 20.46 15.78 8.53
N ARG A 194 19.65 16.26 9.47
CA ARG A 194 19.14 15.41 10.55
C ARG A 194 17.62 15.23 10.49
N VAL A 195 16.91 16.24 10.00
CA VAL A 195 15.45 16.19 9.88
C VAL A 195 15.06 15.54 8.56
N LYS A 196 14.28 14.45 8.63
CA LYS A 196 13.93 13.70 7.43
C LYS A 196 12.43 13.68 7.16
N HIS A 197 11.66 14.34 8.01
CA HIS A 197 10.22 14.48 7.79
C HIS A 197 9.81 15.94 7.97
N TRP A 198 9.39 16.57 6.88
CA TRP A 198 9.02 17.98 6.90
C TRP A 198 7.53 18.15 6.69
N ILE A 199 6.92 19.03 7.48
CA ILE A 199 5.52 19.44 7.26
C ILE A 199 5.53 20.93 6.97
N THR A 200 5.12 21.35 5.78
CA THR A 200 5.21 22.76 5.38
C THR A 200 4.44 23.66 6.34
N MET A 201 3.20 23.28 6.63
CA MET A 201 2.34 24.10 7.46
C MET A 201 1.28 23.26 8.15
N ASN A 202 0.85 23.74 9.32
CA ASN A 202 -0.23 23.12 10.07
C ASN A 202 -1.59 23.76 9.76
N GLU A 203 -2.53 22.94 9.30
CA GLU A 203 -3.94 23.34 9.22
C GLU A 203 -4.19 24.71 8.58
N PRO A 204 -3.92 24.84 7.27
CA PRO A 204 -4.23 26.12 6.64
C PRO A 204 -5.72 26.49 6.75
N TRP A 205 -6.60 25.50 6.89
CA TRP A 205 -8.01 25.77 7.15
C TRP A 205 -8.21 26.64 8.37
N SER A 206 -7.54 26.25 9.46
CA SER A 206 -7.62 27.00 10.71
C SER A 206 -7.08 28.42 10.56
N TYR A 207 -5.94 28.56 9.90
CA TYR A 207 -5.35 29.88 9.71
C TYR A 207 -6.31 30.79 8.95
N SER A 208 -6.92 30.26 7.89
CA SER A 208 -7.81 31.06 7.07
C SER A 208 -9.14 31.34 7.76
N TYR A 209 -9.83 30.27 8.16
CA TYR A 209 -11.13 30.43 8.80
C TYR A 209 -11.02 31.22 10.11
N GLY A 210 -10.07 30.81 10.96
CA GLY A 210 -9.95 31.42 12.27
C GLY A 210 -9.40 32.84 12.20
N GLY A 211 -8.45 33.07 11.30
CA GLY A 211 -7.80 34.36 11.22
C GLY A 211 -8.56 35.39 10.41
N TYR A 212 -9.41 34.94 9.49
CA TYR A 212 -10.00 35.84 8.49
C TYR A 212 -11.51 35.72 8.29
N ASP A 213 -12.14 34.68 8.81
CA ASP A 213 -13.60 34.60 8.76
C ASP A 213 -14.16 34.95 10.12
N ALA A 214 -13.79 34.18 11.13
CA ALA A 214 -14.37 34.36 12.46
C ALA A 214 -13.57 35.32 13.34
N GLY A 215 -12.34 35.63 12.93
CA GLY A 215 -11.49 36.53 13.69
C GLY A 215 -11.15 36.04 15.09
N LEU A 216 -11.14 34.72 15.26
CA LEU A 216 -10.91 34.07 16.55
C LEU A 216 -9.43 33.81 16.81
N LEU A 217 -8.65 33.81 15.72
CA LEU A 217 -7.22 33.57 15.76
C LEU A 217 -6.48 34.75 15.16
N ALA A 218 -5.19 34.89 15.47
CA ALA A 218 -4.35 35.91 14.84
C ALA A 218 -4.41 35.72 13.32
N PRO A 219 -4.42 36.83 12.56
CA PRO A 219 -4.33 38.23 12.97
C PRO A 219 -5.65 38.87 13.41
N GLY A 220 -6.71 38.08 13.54
CA GLY A 220 -7.96 38.57 14.10
C GLY A 220 -8.73 39.49 13.18
N ARG A 221 -9.01 39.02 11.96
CA ARG A 221 -9.76 39.82 11.00
C ARG A 221 -11.11 39.17 10.69
N CYS A 222 -12.11 40.01 10.46
CA CYS A 222 -13.45 39.57 10.07
C CYS A 222 -14.26 40.77 9.60
N SER A 223 -15.45 40.51 9.10
CA SER A 223 -16.30 41.59 8.57
C SER A 223 -16.79 42.52 9.67
N ALA A 224 -16.95 43.79 9.33
CA ALA A 224 -17.40 44.78 10.30
C ALA A 224 -18.75 44.44 10.92
N PHE A 225 -19.62 43.75 10.19
CA PHE A 225 -20.97 43.50 10.70
C PHE A 225 -20.97 42.53 11.90
N MET A 226 -19.87 41.81 12.08
CA MET A 226 -19.77 40.87 13.20
C MET A 226 -19.45 41.59 14.51
N ALA A 227 -19.06 42.85 14.41
CA ALA A 227 -18.70 43.67 15.57
C ALA A 227 -17.67 42.97 16.46
N PHE A 228 -16.59 42.48 15.85
CA PHE A 228 -15.67 41.59 16.54
C PHE A 228 -14.21 41.87 16.18
N CYS A 229 -13.98 42.44 15.00
CA CYS A 229 -12.63 42.76 14.53
C CYS A 229 -12.55 44.17 13.97
N PRO A 230 -11.38 44.81 14.13
CA PRO A 230 -11.17 46.17 13.61
C PRO A 230 -11.21 46.23 12.09
N LYS A 231 -10.70 45.19 11.43
CA LYS A 231 -10.58 45.18 9.98
C LYS A 231 -10.91 43.80 9.41
N GLY A 232 -11.26 43.75 8.13
CA GLY A 232 -11.40 42.48 7.45
C GLY A 232 -12.63 42.34 6.57
N ASN A 233 -12.75 41.16 5.97
CA ASN A 233 -13.89 40.80 5.15
C ASN A 233 -14.02 39.29 5.11
N SER A 234 -14.97 38.76 5.86
CA SER A 234 -15.13 37.32 6.03
C SER A 234 -15.61 36.63 4.75
N GLY A 235 -16.09 37.43 3.81
CA GLY A 235 -16.60 36.89 2.55
C GLY A 235 -15.55 36.76 1.46
N THR A 236 -14.43 37.47 1.61
CA THR A 236 -13.41 37.49 0.56
C THR A 236 -12.03 37.07 1.06
N GLU A 237 -11.63 37.55 2.24
CA GLU A 237 -10.27 37.32 2.69
C GLU A 237 -9.93 35.83 2.96
N PRO A 238 -10.87 35.04 3.51
CA PRO A 238 -10.47 33.62 3.69
C PRO A 238 -10.07 32.95 2.39
N TYR A 239 -10.73 33.30 1.29
CA TYR A 239 -10.41 32.69 0.00
C TYR A 239 -9.08 33.20 -0.55
N ILE A 240 -8.81 34.47 -0.32
CA ILE A 240 -7.53 35.07 -0.72
C ILE A 240 -6.36 34.39 0.02
N VAL A 241 -6.53 34.24 1.33
CA VAL A 241 -5.49 33.70 2.18
C VAL A 241 -5.22 32.23 1.88
N THR A 242 -6.28 31.45 1.69
CA THR A 242 -6.13 30.04 1.39
C THR A 242 -5.34 29.82 0.10
N HIS A 243 -5.59 30.66 -0.90
CA HIS A 243 -4.86 30.55 -2.16
C HIS A 243 -3.36 30.73 -1.93
N ASN A 244 -3.00 31.75 -1.14
CA ASN A 244 -1.59 32.02 -0.88
C ASN A 244 -0.97 31.00 0.07
N LEU A 245 -1.79 30.40 0.94
CA LEU A 245 -1.28 29.33 1.78
C LEU A 245 -0.88 28.15 0.90
N LEU A 246 -1.75 27.79 -0.05
CA LEU A 246 -1.46 26.68 -0.94
C LEU A 246 -0.23 26.96 -1.81
N LEU A 247 -0.11 28.17 -2.33
CA LEU A 247 1.02 28.51 -3.20
C LEU A 247 2.34 28.53 -2.42
N SER A 248 2.28 28.96 -1.16
CA SER A 248 3.46 28.99 -0.31
C SER A 248 3.93 27.58 0.00
N HIS A 249 2.99 26.74 0.43
CA HIS A 249 3.24 25.32 0.60
C HIS A 249 3.91 24.72 -0.64
N ALA A 250 3.33 24.98 -1.81
CA ALA A 250 3.80 24.39 -3.06
C ALA A 250 5.21 24.86 -3.41
N ALA A 251 5.51 26.12 -3.11
CA ALA A 251 6.84 26.66 -3.32
C ALA A 251 7.89 25.93 -2.47
N ALA A 252 7.56 25.68 -1.21
CA ALA A 252 8.49 24.99 -0.32
C ALA A 252 8.71 23.55 -0.77
N VAL A 253 7.66 22.89 -1.21
CA VAL A 253 7.77 21.49 -1.67
C VAL A 253 8.61 21.40 -2.94
N LYS A 254 8.34 22.28 -3.90
CA LYS A 254 9.10 22.29 -5.15
C LYS A 254 10.58 22.46 -4.86
N LEU A 255 10.91 23.39 -3.99
CA LEU A 255 12.28 23.65 -3.62
C LEU A 255 12.91 22.43 -2.94
N TYR A 256 12.20 21.83 -1.99
CA TYR A 256 12.76 20.65 -1.31
C TYR A 256 13.04 19.53 -2.30
N LYS A 257 12.07 19.26 -3.16
CA LYS A 257 12.20 18.13 -4.08
C LYS A 257 13.29 18.34 -5.12
N GLU A 258 13.35 19.54 -5.67
CA GLU A 258 14.28 19.80 -6.77
C GLU A 258 15.71 20.03 -6.30
N LYS A 259 15.89 20.49 -5.06
CA LYS A 259 17.22 20.91 -4.63
C LYS A 259 17.80 20.05 -3.49
N TYR A 260 16.95 19.59 -2.57
CA TYR A 260 17.45 18.99 -1.32
C TYR A 260 17.15 17.50 -1.13
N GLN A 261 16.05 17.03 -1.71
CA GLN A 261 15.54 15.71 -1.37
C GLN A 261 16.49 14.59 -1.77
N ALA A 262 17.09 14.71 -2.95
CA ALA A 262 17.95 13.64 -3.45
C ALA A 262 19.14 13.38 -2.52
N TYR A 263 19.75 14.43 -1.97
CA TYR A 263 20.92 14.19 -1.13
C TYR A 263 20.59 14.16 0.36
N GLN A 264 19.51 14.81 0.80
CA GLN A 264 19.11 14.72 2.20
C GLN A 264 18.23 13.51 2.50
N LYS A 265 17.57 12.98 1.46
CA LYS A 265 16.80 11.73 1.53
C LYS A 265 15.63 11.76 2.51
N GLY A 266 15.01 12.92 2.67
CA GLY A 266 13.83 13.04 3.51
C GLY A 266 12.55 13.11 2.69
N GLN A 267 11.45 13.41 3.37
CA GLN A 267 10.12 13.46 2.78
C GLN A 267 9.43 14.75 3.21
N ILE A 268 8.56 15.30 2.37
CA ILE A 268 7.88 16.52 2.74
C ILE A 268 6.37 16.43 2.48
N GLY A 269 5.58 16.97 3.41
CA GLY A 269 4.14 16.94 3.29
C GLY A 269 3.48 18.16 3.87
N ILE A 270 2.19 18.05 4.12
CA ILE A 270 1.40 19.14 4.68
C ILE A 270 0.37 18.55 5.64
N THR A 271 0.04 19.28 6.70
CA THR A 271 -0.95 18.80 7.64
C THR A 271 -2.29 19.52 7.45
N LEU A 272 -3.35 18.74 7.22
CA LEU A 272 -4.69 19.28 7.06
C LEU A 272 -5.56 18.80 8.22
N VAL A 273 -6.59 19.59 8.55
CA VAL A 273 -7.58 19.19 9.54
C VAL A 273 -8.97 19.18 8.93
N THR A 274 -9.78 18.21 9.32
CA THR A 274 -11.20 18.30 9.03
C THR A 274 -12.00 17.54 10.10
N TYR A 275 -13.21 18.00 10.35
CA TYR A 275 -14.18 17.20 11.07
C TYR A 275 -14.68 16.12 10.13
N TRP A 276 -15.06 14.97 10.67
CA TRP A 276 -15.81 14.02 9.84
C TRP A 276 -17.27 14.44 9.85
N MET A 277 -17.87 14.55 8.67
CA MET A 277 -19.23 15.08 8.53
C MET A 277 -20.24 13.96 8.32
N ILE A 278 -21.26 13.93 9.17
CA ILE A 278 -22.31 12.91 9.10
C ILE A 278 -23.66 13.58 8.81
N PRO A 279 -24.36 13.13 7.77
CA PRO A 279 -25.69 13.70 7.49
C PRO A 279 -26.60 13.59 8.71
N TYR A 280 -27.25 14.68 9.09
CA TYR A 280 -28.12 14.67 10.25
C TYR A 280 -29.26 13.66 10.06
N SER A 281 -29.77 13.59 8.83
CA SER A 281 -30.81 12.62 8.49
C SER A 281 -30.47 11.89 7.21
N ASN A 282 -31.34 10.97 6.80
CA ASN A 282 -31.15 10.22 5.56
C ASN A 282 -31.53 11.01 4.31
N SER A 283 -32.03 12.24 4.48
CA SER A 283 -32.51 13.00 3.34
C SER A 283 -31.37 13.39 2.39
N LYS A 284 -31.70 13.56 1.12
CA LYS A 284 -30.73 14.06 0.15
C LYS A 284 -30.21 15.43 0.58
N ALA A 285 -31.09 16.27 1.12
CA ALA A 285 -30.69 17.60 1.56
C ALA A 285 -29.56 17.55 2.58
N ASP A 286 -29.68 16.67 3.57
CA ASP A 286 -28.66 16.59 4.62
C ASP A 286 -27.41 15.86 4.13
N LYS A 287 -27.60 14.87 3.24
CA LYS A 287 -26.47 14.17 2.63
C LYS A 287 -25.59 15.14 1.87
N ASP A 288 -26.22 15.98 1.05
CA ASP A 288 -25.51 16.98 0.27
C ASP A 288 -24.88 18.05 1.17
N ALA A 289 -25.61 18.45 2.21
CA ALA A 289 -25.08 19.43 3.17
C ALA A 289 -23.81 18.91 3.84
N ALA A 290 -23.84 17.64 4.26
CA ALA A 290 -22.68 17.03 4.89
C ALA A 290 -21.49 17.07 3.95
N GLN A 291 -21.72 16.74 2.68
CA GLN A 291 -20.63 16.74 1.72
C GLN A 291 -20.16 18.15 1.41
N ARG A 292 -21.07 19.12 1.39
CA ARG A 292 -20.66 20.53 1.23
C ARG A 292 -19.77 20.97 2.39
N ALA A 293 -20.14 20.60 3.61
CA ALA A 293 -19.34 20.98 4.77
C ALA A 293 -17.94 20.40 4.65
N LEU A 294 -17.85 19.14 4.23
CA LEU A 294 -16.56 18.49 4.03
C LEU A 294 -15.79 19.13 2.88
N ASP A 295 -16.49 19.44 1.79
CA ASP A 295 -15.89 20.15 0.65
C ASP A 295 -15.21 21.44 1.10
N PHE A 296 -15.93 22.23 1.89
CA PHE A 296 -15.46 23.56 2.27
C PHE A 296 -14.36 23.51 3.32
N MET A 297 -14.34 22.48 4.16
CA MET A 297 -13.32 22.40 5.21
C MET A 297 -12.08 21.64 4.74
N TYR A 298 -12.32 20.47 4.15
CA TYR A 298 -11.26 19.54 3.72
C TYR A 298 -10.91 19.72 2.25
N GLY A 299 -11.92 19.69 1.39
CA GLY A 299 -11.74 19.72 -0.06
C GLY A 299 -11.07 20.98 -0.55
N TRP A 300 -11.33 22.07 0.16
CA TRP A 300 -10.70 23.37 -0.09
C TRP A 300 -9.20 23.25 -0.29
N PHE A 301 -8.60 22.30 0.42
CA PHE A 301 -7.16 22.08 0.34
C PHE A 301 -6.80 20.77 -0.36
N ILE A 302 -7.51 19.69 -0.08
CA ILE A 302 -7.07 18.40 -0.60
C ILE A 302 -7.41 18.25 -2.10
N GLU A 303 -8.44 18.93 -2.59
CA GLU A 303 -8.68 18.86 -4.03
C GLU A 303 -7.63 19.67 -4.84
N PRO A 304 -7.24 20.88 -4.39
CA PRO A 304 -6.10 21.50 -5.09
C PRO A 304 -4.83 20.64 -5.03
N LEU A 305 -4.56 20.07 -3.86
CA LEU A 305 -3.36 19.24 -3.69
C LEU A 305 -3.41 17.96 -4.54
N SER A 306 -4.61 17.45 -4.79
CA SER A 306 -4.75 16.20 -5.55
C SER A 306 -5.05 16.43 -7.03
N PHE A 307 -5.85 17.46 -7.33
CA PHE A 307 -6.40 17.65 -8.68
C PHE A 307 -6.05 18.99 -9.31
N GLY A 308 -5.47 19.89 -8.53
CA GLY A 308 -5.14 21.22 -9.03
C GLY A 308 -6.34 22.14 -9.23
N GLU A 309 -7.43 21.88 -8.51
CA GLU A 309 -8.64 22.69 -8.60
C GLU A 309 -9.41 22.66 -7.28
N TYR A 310 -10.26 23.65 -7.07
CA TYR A 310 -11.13 23.67 -5.89
C TYR A 310 -12.35 22.77 -6.12
N PRO A 311 -13.04 22.37 -5.03
CA PRO A 311 -14.25 21.55 -5.19
C PRO A 311 -15.32 22.24 -6.03
N LYS A 312 -16.08 21.48 -6.80
CA LYS A 312 -17.14 22.05 -7.64
C LYS A 312 -18.17 22.82 -6.80
N SER A 313 -18.46 22.34 -5.59
CA SER A 313 -19.45 23.01 -4.76
C SER A 313 -18.98 24.41 -4.36
N MET A 314 -17.68 24.56 -4.13
CA MET A 314 -17.14 25.87 -3.78
C MET A 314 -17.15 26.79 -5.01
N ARG A 315 -16.80 26.25 -6.16
CA ARG A 315 -16.86 27.04 -7.39
C ARG A 315 -18.28 27.53 -7.63
N ARG A 316 -19.26 26.65 -7.44
CA ARG A 316 -20.67 26.99 -7.62
C ARG A 316 -21.16 28.04 -6.63
N LEU A 317 -20.93 27.81 -5.34
CA LEU A 317 -21.54 28.65 -4.31
C LEU A 317 -20.75 29.92 -4.00
N VAL A 318 -19.44 29.90 -4.19
CA VAL A 318 -18.62 31.07 -3.89
C VAL A 318 -18.39 31.94 -5.14
N GLY A 319 -18.47 31.32 -6.31
CA GLY A 319 -18.37 32.05 -7.56
C GLY A 319 -17.07 32.84 -7.66
N LYS A 320 -17.17 34.10 -8.08
CA LYS A 320 -15.98 34.87 -8.38
C LYS A 320 -15.22 35.34 -7.14
N ARG A 321 -15.75 35.06 -5.95
CA ARG A 321 -15.00 35.33 -4.72
C ARG A 321 -13.95 34.25 -4.49
N LEU A 322 -14.05 33.16 -5.24
CA LEU A 322 -13.08 32.07 -5.17
C LEU A 322 -12.04 32.23 -6.27
N PRO A 323 -10.77 32.41 -5.89
CA PRO A 323 -9.74 32.61 -6.93
C PRO A 323 -9.53 31.40 -7.82
N ARG A 324 -9.11 31.63 -9.06
CA ARG A 324 -8.78 30.55 -9.97
C ARG A 324 -7.29 30.20 -9.86
N PHE A 325 -6.97 28.93 -10.08
CA PHE A 325 -5.57 28.57 -10.27
C PHE A 325 -5.17 28.85 -11.70
N THR A 326 -4.13 29.65 -11.89
CA THR A 326 -3.54 29.76 -13.23
C THR A 326 -2.98 28.40 -13.58
N LYS A 327 -2.71 28.15 -14.86
CA LYS A 327 -2.18 26.87 -15.25
C LYS A 327 -0.85 26.62 -14.54
N GLU A 328 -0.02 27.66 -14.39
CA GLU A 328 1.24 27.51 -13.67
C GLU A 328 1.00 27.14 -12.20
N GLN A 329 0.07 27.84 -11.55
CA GLN A 329 -0.25 27.60 -10.14
C GLN A 329 -0.76 26.18 -9.92
N ALA A 330 -1.66 25.74 -10.79
CA ALA A 330 -2.22 24.40 -10.70
C ALA A 330 -1.14 23.34 -10.79
N MET A 331 -0.20 23.53 -11.72
CA MET A 331 0.90 22.59 -11.88
CA MET A 331 0.94 22.61 -11.89
C MET A 331 1.77 22.54 -10.62
N LEU A 332 1.96 23.68 -9.97
CA LEU A 332 2.77 23.76 -8.75
C LEU A 332 2.10 23.06 -7.57
N VAL A 333 0.79 23.29 -7.43
CA VAL A 333 0.06 22.80 -6.27
C VAL A 333 -0.33 21.32 -6.39
N LYS A 334 -0.77 20.90 -7.58
CA LYS A 334 -1.19 19.52 -7.76
C LYS A 334 -0.04 18.53 -7.54
N GLY A 335 -0.26 17.56 -6.65
CA GLY A 335 0.73 16.53 -6.36
C GLY A 335 1.87 16.95 -5.45
N SER A 336 1.71 18.10 -4.80
CA SER A 336 2.81 18.68 -4.03
C SER A 336 2.91 18.14 -2.59
N PHE A 337 2.95 16.82 -2.46
CA PHE A 337 3.17 16.20 -1.16
C PHE A 337 3.64 14.76 -1.30
N ASP A 338 4.57 14.37 -0.43
CA ASP A 338 5.02 12.98 -0.36
C ASP A 338 4.10 12.20 0.57
N PHE A 339 3.60 12.89 1.58
CA PHE A 339 2.66 12.31 2.53
C PHE A 339 1.67 13.36 2.96
N LEU A 340 0.54 12.91 3.48
CA LEU A 340 -0.47 13.81 3.99
C LEU A 340 -0.53 13.67 5.52
N GLY A 341 -0.43 14.79 6.22
CA GLY A 341 -0.65 14.79 7.65
C GLY A 341 -2.12 15.10 7.90
N LEU A 342 -2.77 14.30 8.74
CA LEU A 342 -4.17 14.56 9.07
C LEU A 342 -4.34 14.74 10.57
N ASN A 343 -5.04 15.81 10.94
CA ASN A 343 -5.40 16.08 12.32
C ASN A 343 -6.86 15.73 12.52
N TYR A 344 -7.15 14.88 13.52
CA TYR A 344 -8.52 14.44 13.74
C TYR A 344 -8.92 14.63 15.19
N TYR A 345 -10.06 15.26 15.41
CA TYR A 345 -10.56 15.48 16.75
C TYR A 345 -11.98 14.96 16.91
N ILE A 346 -12.88 15.46 16.07
CA ILE A 346 -14.30 15.15 16.22
C ILE A 346 -15.03 14.87 14.91
N ALA A 347 -16.26 14.39 15.07
CA ALA A 347 -17.21 14.36 13.98
C ALA A 347 -18.41 15.22 14.37
N ASN A 348 -19.11 15.76 13.38
CA ASN A 348 -20.35 16.49 13.63
C ASN A 348 -21.45 16.00 12.71
N TYR A 349 -22.69 16.09 13.17
CA TYR A 349 -23.84 15.94 12.30
C TYR A 349 -23.98 17.22 11.50
N VAL A 350 -24.53 17.13 10.29
CA VAL A 350 -24.70 18.30 9.44
C VAL A 350 -26.12 18.41 8.91
N LEU A 351 -26.71 19.60 9.08
CA LEU A 351 -28.03 19.90 8.55
C LEU A 351 -27.94 20.81 7.33
N ASN A 352 -28.84 20.62 6.38
CA ASN A 352 -28.97 21.58 5.30
C ASN A 352 -29.48 22.92 5.83
N VAL A 353 -28.97 24.00 5.27
CA VAL A 353 -29.47 25.34 5.55
C VAL A 353 -30.06 25.93 4.28
N PRO A 354 -31.38 26.13 4.24
CA PRO A 354 -32.00 26.71 3.05
C PRO A 354 -31.44 28.09 2.74
N THR A 355 -31.47 28.47 1.46
CA THR A 355 -31.09 29.83 1.08
C THR A 355 -32.05 30.81 1.74
N SER A 356 -31.62 32.06 1.89
CA SER A 356 -32.44 33.07 2.54
C SER A 356 -32.13 34.45 1.99
N ASN A 357 -32.86 35.46 2.50
CA ASN A 357 -32.71 36.83 2.03
C ASN A 357 -31.83 37.71 2.92
N SER A 358 -31.37 37.17 4.05
CA SER A 358 -30.61 37.97 5.03
C SER A 358 -29.11 37.90 4.78
N VAL A 359 -28.46 39.06 4.70
CA VAL A 359 -27.21 39.21 3.96
C VAL A 359 -25.87 39.06 4.69
N ASN A 360 -25.70 37.97 5.44
CA ASN A 360 -24.45 37.78 6.19
C ASN A 360 -23.36 37.03 5.41
N LEU A 361 -22.63 37.77 4.58
CA LEU A 361 -21.67 37.18 3.67
C LEU A 361 -20.42 36.70 4.38
N SER A 362 -20.17 35.40 4.33
CA SER A 362 -18.99 34.82 4.96
C SER A 362 -18.68 33.43 4.41
N TYR A 363 -17.41 33.05 4.47
CA TYR A 363 -17.00 31.69 4.13
C TYR A 363 -17.85 30.67 4.89
N THR A 364 -18.11 30.95 6.16
CA THR A 364 -18.88 30.05 7.02
C THR A 364 -20.28 29.77 6.48
N THR A 365 -20.99 30.83 6.06
CA THR A 365 -22.36 30.66 5.59
C THR A 365 -22.43 30.25 4.11
N ASP A 366 -21.33 30.40 3.38
CA ASP A 366 -21.30 30.06 1.96
C ASP A 366 -21.68 28.60 1.67
N SER A 367 -21.39 27.69 2.60
CA SER A 367 -21.59 26.26 2.36
C SER A 367 -23.03 25.79 2.59
N LEU A 368 -23.88 26.68 3.09
CA LEU A 368 -25.29 26.35 3.35
C LEU A 368 -25.40 25.10 4.20
N SER A 369 -24.60 25.02 5.26
CA SER A 369 -24.57 23.85 6.12
C SER A 369 -24.50 24.26 7.59
N ASN A 370 -25.02 23.39 8.46
CA ASN A 370 -25.11 23.66 9.88
C ASN A 370 -24.65 22.46 10.66
N GLN A 371 -23.57 22.61 11.42
CA GLN A 371 -23.01 21.47 12.15
C GLN A 371 -23.51 21.46 13.59
N THR A 372 -23.80 20.26 14.09
CA THR A 372 -24.23 20.09 15.47
C THR A 372 -23.75 18.74 16.01
N ALA A 373 -23.46 18.69 17.30
CA ALA A 373 -22.96 17.46 17.92
C ALA A 373 -24.09 16.58 18.43
N PHE A 374 -25.33 17.05 18.27
CA PHE A 374 -26.48 16.33 18.80
C PHE A 374 -27.46 15.94 17.72
N ARG A 375 -27.98 14.72 17.81
CA ARG A 375 -29.06 14.26 16.96
C ARG A 375 -30.16 13.66 17.83
N ASN A 376 -31.39 14.11 17.62
CA ASN A 376 -32.53 13.65 18.41
C ASN A 376 -32.30 13.84 19.92
N GLY A 377 -31.59 14.90 20.29
CA GLY A 377 -31.31 15.20 21.68
C GLY A 377 -30.18 14.38 22.28
N VAL A 378 -29.51 13.59 21.44
CA VAL A 378 -28.44 12.70 21.91
C VAL A 378 -27.08 13.09 21.33
N ALA A 379 -26.08 13.26 22.21
CA ALA A 379 -24.74 13.62 21.78
C ALA A 379 -24.09 12.53 20.94
N ILE A 380 -23.22 12.95 20.03
CA ILE A 380 -22.62 12.03 19.08
C ILE A 380 -21.66 11.03 19.76
N GLY A 381 -21.24 11.36 20.97
CA GLY A 381 -20.37 10.49 21.75
C GLY A 381 -20.13 10.97 23.16
N ARG A 382 -19.19 10.35 23.86
CA ARG A 382 -18.85 10.74 25.22
C ARG A 382 -18.31 12.17 25.26
N PRO A 383 -18.59 12.89 26.35
CA PRO A 383 -18.13 14.27 26.49
C PRO A 383 -16.64 14.39 26.80
N THR A 384 -16.06 15.53 26.47
CA THR A 384 -14.72 15.88 26.92
C THR A 384 -14.85 17.20 27.68
N GLY A 385 -13.72 17.74 28.12
CA GLY A 385 -13.71 19.02 28.81
C GLY A 385 -13.91 20.19 27.86
N VAL A 386 -13.95 19.90 26.56
CA VAL A 386 -14.22 20.91 25.55
C VAL A 386 -15.66 20.81 25.07
N PRO A 387 -16.46 21.86 25.29
CA PRO A 387 -17.91 21.85 25.05
C PRO A 387 -18.34 21.26 23.71
N ALA A 388 -17.72 21.68 22.62
CA ALA A 388 -18.19 21.25 21.30
C ALA A 388 -17.68 19.86 20.92
N PHE A 389 -16.81 19.30 21.75
CA PHE A 389 -16.01 18.13 21.37
C PHE A 389 -16.44 16.85 22.07
N PHE A 390 -17.02 15.92 21.33
CA PHE A 390 -17.37 14.62 21.87
C PHE A 390 -16.54 13.54 21.21
N MET A 391 -16.47 12.36 21.83
CA MET A 391 -15.65 11.29 21.29
C MET A 391 -16.36 10.50 20.20
N TYR A 392 -15.74 10.45 19.01
CA TYR A 392 -16.27 9.65 17.92
C TYR A 392 -15.13 8.98 17.16
N PRO A 393 -14.51 7.95 17.76
CA PRO A 393 -13.37 7.27 17.14
C PRO A 393 -13.67 6.64 15.78
N LYS A 394 -14.92 6.26 15.53
CA LYS A 394 -15.28 5.70 14.22
C LYS A 394 -14.97 6.68 13.08
N GLY A 395 -15.10 7.97 13.36
CA GLY A 395 -14.88 8.99 12.34
C GLY A 395 -13.44 9.05 11.85
N LEU A 396 -12.50 8.62 12.68
CA LEU A 396 -11.10 8.59 12.27
C LEU A 396 -10.94 7.60 11.13
N LYS A 397 -11.48 6.40 11.29
CA LYS A 397 -11.44 5.42 10.21
C LYS A 397 -12.21 5.89 8.98
N ASP A 398 -13.39 6.48 9.19
CA ASP A 398 -14.21 6.95 8.08
C ASP A 398 -13.45 7.97 7.21
N LEU A 399 -12.81 8.90 7.88
CA LEU A 399 -12.01 9.94 7.21
C LEU A 399 -10.87 9.32 6.43
N LEU A 400 -10.18 8.36 7.04
CA LEU A 400 -9.02 7.73 6.41
C LEU A 400 -9.42 6.91 5.18
N VAL A 401 -10.53 6.18 5.27
CA VAL A 401 -11.00 5.39 4.14
C VAL A 401 -11.43 6.31 2.99
N TYR A 402 -12.17 7.37 3.33
CA TYR A 402 -12.59 8.38 2.38
C TYR A 402 -11.38 8.96 1.66
N THR A 403 -10.35 9.30 2.44
CA THR A 403 -9.13 9.87 1.88
C THR A 403 -8.42 8.90 0.93
N LYS A 404 -8.33 7.63 1.34
CA LYS A 404 -7.71 6.60 0.51
C LYS A 404 -8.44 6.44 -0.83
N GLU A 405 -9.77 6.42 -0.77
CA GLU A 405 -10.59 6.14 -1.94
C GLU A 405 -10.67 7.32 -2.90
N LYS A 406 -10.65 8.54 -2.36
CA LYS A 406 -10.83 9.72 -3.21
C LYS A 406 -9.51 10.27 -3.76
N TYR A 407 -8.42 10.07 -3.03
CA TYR A 407 -7.17 10.77 -3.36
C TYR A 407 -6.00 9.82 -3.58
N ASN A 408 -6.28 8.70 -4.24
CA ASN A 408 -5.26 7.78 -4.73
C ASN A 408 -4.35 7.21 -3.65
N ASP A 409 -4.96 6.76 -2.54
CA ASP A 409 -4.25 5.95 -1.55
C ASP A 409 -2.95 6.58 -1.07
N PRO A 410 -3.01 7.80 -0.54
CA PRO A 410 -1.77 8.49 -0.16
C PRO A 410 -1.15 7.91 1.11
N VAL A 411 0.14 8.16 1.28
CA VAL A 411 0.79 7.90 2.56
C VAL A 411 0.27 8.93 3.56
N ILE A 412 -0.09 8.47 4.76
CA ILE A 412 -0.69 9.35 5.77
C ILE A 412 -0.01 9.23 7.12
N TYR A 413 0.21 10.36 7.78
CA TYR A 413 0.52 10.38 9.21
C TYR A 413 -0.62 11.07 9.94
N ILE A 414 -1.06 10.51 11.06
CA ILE A 414 -1.98 11.25 11.92
C ILE A 414 -1.13 12.20 12.77
N THR A 415 -1.13 13.49 12.41
CA THR A 415 -0.19 14.41 13.04
C THR A 415 -0.75 15.09 14.29
N GLU A 416 -2.06 14.94 14.52
CA GLU A 416 -2.70 15.33 15.79
C GLU A 416 -3.94 14.47 16.06
N ASN A 417 -4.06 14.00 17.29
CA ASN A 417 -5.29 13.36 17.77
C ASN A 417 -5.27 13.45 19.30
N GLY A 418 -6.35 13.94 19.89
CA GLY A 418 -6.39 14.12 21.34
C GLY A 418 -7.66 14.75 21.85
N MET A 419 -7.71 14.96 23.16
CA MET A 419 -8.87 15.53 23.82
C MET A 419 -8.43 16.45 24.95
N GLY A 420 -9.31 17.37 25.33
CA GLY A 420 -8.97 18.32 26.37
C GLY A 420 -9.80 18.14 27.63
N ASP A 421 -9.14 18.37 28.77
CA ASP A 421 -9.82 18.47 30.06
C ASP A 421 -9.98 19.94 30.41
N ASN A 422 -11.06 20.26 31.10
CA ASN A 422 -11.21 21.59 31.65
C ASN A 422 -10.22 21.74 32.81
N ASN A 423 -9.51 22.87 32.84
CA ASN A 423 -8.54 23.14 33.89
C ASN A 423 -9.24 23.70 35.13
N ASN A 424 -9.94 22.82 35.85
CA ASN A 424 -10.75 23.26 36.98
C ASN A 424 -10.71 22.31 38.17
N VAL A 425 -9.67 21.48 38.22
CA VAL A 425 -9.44 20.60 39.37
C VAL A 425 -7.98 20.69 39.78
N THR A 426 -7.64 20.06 40.91
CA THR A 426 -6.26 20.06 41.41
C THR A 426 -5.31 19.31 40.49
N THR A 427 -4.02 19.57 40.67
CA THR A 427 -2.98 18.82 39.99
C THR A 427 -3.15 17.32 40.19
N GLU A 428 -3.40 16.91 41.44
CA GLU A 428 -3.57 15.50 41.76
C GLU A 428 -4.70 14.86 40.95
N GLU A 429 -5.79 15.60 40.78
CA GLU A 429 -6.94 15.08 40.05
C GLU A 429 -6.72 15.10 38.54
N GLY A 430 -6.12 16.17 38.03
CA GLY A 430 -5.90 16.31 36.59
C GLY A 430 -4.98 15.26 36.01
N ILE A 431 -4.09 14.72 36.84
CA ILE A 431 -3.15 13.70 36.42
C ILE A 431 -3.83 12.35 36.20
N LYS A 432 -4.91 12.10 36.95
CA LYS A 432 -5.67 10.87 36.74
C LYS A 432 -6.66 11.08 35.60
N ASP A 433 -6.30 10.65 34.40
CA ASP A 433 -7.16 10.89 33.24
C ASP A 433 -7.61 9.63 32.50
N PRO A 434 -8.42 8.78 33.16
CA PRO A 434 -8.92 7.56 32.52
C PRO A 434 -9.75 7.86 31.27
N GLN A 435 -10.32 9.05 31.21
CA GLN A 435 -11.10 9.46 30.04
C GLN A 435 -10.20 9.56 28.81
N ARG A 436 -8.95 9.99 29.02
CA ARG A 436 -7.99 10.13 27.93
C ARG A 436 -7.36 8.78 27.58
N VAL A 437 -7.15 7.93 28.59
CA VAL A 437 -6.75 6.56 28.34
C VAL A 437 -7.79 5.88 27.46
N TYR A 438 -9.06 6.08 27.82
CA TYR A 438 -10.17 5.56 27.02
C TYR A 438 -10.12 6.13 25.60
N PHE A 439 -9.94 7.45 25.52
CA PHE A 439 -9.90 8.14 24.24
C PHE A 439 -8.86 7.50 23.32
N TYR A 440 -7.65 7.29 23.83
CA TYR A 440 -6.58 6.79 22.96
C TYR A 440 -6.74 5.30 22.65
N ASN A 441 -7.23 4.52 23.59
CA ASN A 441 -7.50 3.12 23.33
C ASN A 441 -8.47 2.96 22.16
N GLN A 442 -9.56 3.72 22.20
CA GLN A 442 -10.60 3.62 21.18
C GLN A 442 -10.14 4.16 19.84
N HIS A 443 -9.40 5.26 19.85
CA HIS A 443 -8.96 5.83 18.59
C HIS A 443 -7.85 5.01 17.95
N LEU A 444 -6.99 4.40 18.76
CA LEU A 444 -5.96 3.54 18.19
C LEU A 444 -6.55 2.23 17.66
N LEU A 445 -7.60 1.72 18.30
CA LEU A 445 -8.30 0.56 17.77
C LEU A 445 -8.92 0.91 16.42
N SER A 446 -9.52 2.09 16.33
CA SER A 446 -10.10 2.54 15.07
C SER A 446 -9.01 2.73 14.01
N LEU A 447 -7.88 3.32 14.40
CA LEU A 447 -6.75 3.48 13.46
C LEU A 447 -6.27 2.13 12.95
N LYS A 448 -6.21 1.15 13.85
CA LYS A 448 -5.80 -0.21 13.48
C LYS A 448 -6.73 -0.78 12.41
N ASN A 449 -8.03 -0.55 12.56
CA ASN A 449 -8.99 -1.04 11.59
C ASN A 449 -8.88 -0.33 10.25
N ALA A 450 -8.51 0.95 10.27
CA ALA A 450 -8.29 1.69 9.02
C ALA A 450 -7.08 1.12 8.29
N ILE A 451 -6.04 0.77 9.04
CA ILE A 451 -4.86 0.15 8.45
C ILE A 451 -5.22 -1.21 7.87
N ALA A 452 -6.10 -1.93 8.57
CA ALA A 452 -6.57 -3.22 8.09
C ALA A 452 -7.35 -3.07 6.78
N ALA A 453 -7.99 -1.91 6.62
CA ALA A 453 -8.78 -1.64 5.41
C ALA A 453 -7.88 -1.12 4.28
N GLY A 454 -6.57 -1.09 4.52
CA GLY A 454 -5.61 -0.75 3.48
C GLY A 454 -5.14 0.69 3.43
N VAL A 455 -5.49 1.48 4.44
CA VAL A 455 -5.03 2.87 4.47
C VAL A 455 -3.56 2.89 4.87
N LYS A 456 -2.75 3.60 4.09
CA LYS A 456 -1.30 3.60 4.27
C LYS A 456 -0.87 4.58 5.36
N VAL A 457 -1.30 4.32 6.59
CA VAL A 457 -0.88 5.14 7.73
C VAL A 457 0.49 4.68 8.21
N LYS A 458 1.39 5.64 8.43
CA LYS A 458 2.77 5.28 8.80
C LYS A 458 3.15 5.81 10.18
N GLY A 459 2.29 6.62 10.77
CA GLY A 459 2.58 7.21 12.06
C GLY A 459 1.40 7.89 12.73
N TYR A 460 1.57 8.17 14.01
CA TYR A 460 0.49 8.71 14.83
C TYR A 460 1.06 9.56 15.96
N PHE A 461 0.58 10.80 16.07
CA PHE A 461 1.07 11.74 17.06
C PHE A 461 -0.03 12.25 17.97
N THR A 462 0.19 12.16 19.27
CA THR A 462 -0.79 12.64 20.24
C THR A 462 -0.74 14.14 20.38
N TRP A 463 -1.88 14.82 20.19
CA TRP A 463 -1.96 16.18 20.69
C TRP A 463 -2.57 16.12 22.09
N ALA A 464 -1.82 16.49 23.12
CA ALA A 464 -0.49 17.09 23.00
C ALA A 464 0.52 16.39 23.90
N PHE A 465 1.81 16.70 23.69
CA PHE A 465 2.87 16.26 24.60
C PHE A 465 2.61 16.81 26.00
N LEU A 466 2.53 18.14 26.11
CA LEU A 466 2.30 18.82 27.38
C LEU A 466 1.00 19.62 27.33
N ASP A 467 0.35 19.79 28.48
CA ASP A 467 -0.65 20.85 28.62
C ASP A 467 0.05 22.14 28.19
N ASN A 468 -0.61 22.93 27.34
CA ASN A 468 0.03 24.08 26.74
C ASN A 468 -0.92 25.26 26.55
N PHE A 469 -0.44 26.31 25.87
CA PHE A 469 -1.28 27.46 25.55
C PHE A 469 -2.20 27.12 24.40
N GLU A 470 -3.47 26.87 24.70
CA GLU A 470 -4.40 26.41 23.69
C GLU A 470 -5.10 27.57 22.99
N TRP A 471 -4.29 28.42 22.35
CA TRP A 471 -4.76 29.50 21.51
C TRP A 471 -5.87 30.31 22.21
N LEU A 472 -7.06 30.42 21.62
CA LEU A 472 -8.09 31.29 22.19
C LEU A 472 -8.58 30.83 23.58
N SER A 473 -8.29 29.59 23.94
CA SER A 473 -8.73 29.06 25.24
C SER A 473 -7.67 29.24 26.32
N GLY A 474 -6.52 29.81 25.95
CA GLY A 474 -5.43 30.01 26.88
C GLY A 474 -5.05 28.73 27.59
N TYR A 475 -4.97 28.78 28.92
CA TYR A 475 -4.60 27.62 29.71
C TYR A 475 -5.81 26.94 30.39
N THR A 476 -7.01 27.22 29.88
CA THR A 476 -8.22 26.64 30.46
C THR A 476 -8.50 25.24 29.98
N GLN A 477 -7.75 24.77 29.00
CA GLN A 477 -7.97 23.44 28.46
C GLN A 477 -6.67 22.65 28.36
N ARG A 478 -6.68 21.44 28.93
CA ARG A 478 -5.47 20.61 29.01
C ARG A 478 -5.55 19.43 28.06
N PHE A 479 -4.71 19.42 27.03
CA PHE A 479 -4.70 18.35 26.02
C PHE A 479 -3.55 17.38 26.21
N GLY A 480 -2.65 17.67 27.15
CA GLY A 480 -1.43 16.89 27.28
C GLY A 480 -1.62 15.47 27.77
N ILE A 481 -0.69 14.59 27.39
CA ILE A 481 -0.55 13.31 28.07
C ILE A 481 0.39 13.52 29.26
N VAL A 482 1.00 14.69 29.31
CA VAL A 482 1.81 15.10 30.45
C VAL A 482 1.24 16.39 31.04
N TYR A 483 0.98 16.38 32.35
CA TYR A 483 0.43 17.52 33.06
C TYR A 483 1.48 18.62 33.27
N VAL A 484 1.07 19.88 33.14
CA VAL A 484 1.94 20.99 33.50
C VAL A 484 1.27 21.85 34.56
N ASP A 485 1.90 21.91 35.73
CA ASP A 485 1.36 22.69 36.84
C ASP A 485 1.74 24.14 36.66
N PHE A 486 0.88 24.89 35.97
CA PHE A 486 1.13 26.30 35.67
C PHE A 486 1.22 27.12 36.95
N LYS A 487 0.56 26.66 38.00
CA LYS A 487 0.54 27.40 39.25
C LYS A 487 1.71 27.06 40.17
N ASP A 488 2.49 26.05 39.80
CA ASP A 488 3.63 25.62 40.60
C ASP A 488 4.84 25.31 39.74
N GLY A 489 5.51 26.36 39.28
CA GLY A 489 6.78 26.24 38.58
C GLY A 489 6.76 25.51 37.25
N LEU A 490 5.60 25.45 36.61
CA LEU A 490 5.44 24.74 35.35
C LEU A 490 5.95 23.30 35.44
N LYS A 491 5.77 22.68 36.60
CA LYS A 491 6.28 21.33 36.81
C LYS A 491 5.56 20.31 35.94
N ARG A 492 6.32 19.34 35.45
CA ARG A 492 5.79 18.30 34.58
C ARG A 492 5.48 17.02 35.35
N TYR A 493 4.30 16.46 35.12
CA TYR A 493 3.93 15.15 35.66
C TYR A 493 3.22 14.33 34.60
N PRO A 494 3.79 13.17 34.22
CA PRO A 494 3.10 12.28 33.29
C PRO A 494 1.73 11.89 33.82
N LYS A 495 0.72 11.92 32.96
CA LYS A 495 -0.64 11.52 33.32
C LYS A 495 -0.78 10.01 33.17
N HIS A 496 -1.90 9.45 33.60
CA HIS A 496 -2.15 8.02 33.39
C HIS A 496 -2.08 7.67 31.91
N SER A 497 -2.46 8.63 31.05
CA SER A 497 -2.42 8.42 29.61
C SER A 497 -0.98 8.25 29.12
N ALA A 498 -0.05 9.04 29.65
CA ALA A 498 1.37 8.88 29.34
C ALA A 498 1.86 7.49 29.76
N LEU A 499 1.48 7.08 30.96
CA LEU A 499 1.89 5.76 31.45
C LEU A 499 1.24 4.63 30.64
N TRP A 500 0.01 4.85 30.20
CA TRP A 500 -0.65 3.89 29.30
C TRP A 500 0.12 3.76 27.99
N PHE A 501 0.56 4.88 27.43
CA PHE A 501 1.34 4.84 26.20
C PHE A 501 2.68 4.15 26.40
N LYS A 502 3.34 4.46 27.51
CA LYS A 502 4.61 3.83 27.87
C LYS A 502 4.50 2.30 27.81
N LYS A 503 3.43 1.78 28.40
CA LYS A 503 3.19 0.34 28.40
C LYS A 503 2.87 -0.18 27.00
N PHE A 504 2.00 0.55 26.30
CA PHE A 504 1.62 0.23 24.93
C PHE A 504 2.84 0.14 24.01
N LEU A 505 3.82 1.00 24.25
CA LEU A 505 5.00 1.09 23.37
C LEU A 505 6.10 0.10 23.74
N LEU A 506 5.81 -0.74 24.74
CA LEU A 506 6.73 -1.77 25.22
C LEU A 506 8.02 -1.15 25.76
N SER B 33 -26.95 -25.14 -5.35
CA SER B 33 -27.31 -23.76 -5.05
C SER B 33 -26.08 -22.92 -4.69
N PHE B 34 -25.03 -23.58 -4.22
CA PHE B 34 -23.74 -22.94 -3.96
C PHE B 34 -23.35 -22.11 -5.18
N ASN B 35 -23.33 -20.79 -5.02
CA ASN B 35 -23.07 -19.89 -6.14
C ASN B 35 -22.12 -18.77 -5.77
N ARG B 36 -21.84 -17.89 -6.72
CA ARG B 36 -20.78 -16.89 -6.57
C ARG B 36 -21.08 -15.82 -5.52
N THR B 37 -22.33 -15.72 -5.09
CA THR B 37 -22.70 -14.72 -4.08
C THR B 37 -22.11 -15.08 -2.71
N SER B 38 -21.70 -16.33 -2.54
CA SER B 38 -21.03 -16.74 -1.30
C SER B 38 -19.63 -16.14 -1.19
N PHE B 39 -19.15 -15.58 -2.29
CA PHE B 39 -17.82 -14.96 -2.35
C PHE B 39 -17.95 -13.44 -2.33
N PRO B 40 -16.85 -12.72 -2.03
CA PRO B 40 -16.90 -11.25 -1.96
C PRO B 40 -17.38 -10.62 -3.26
N ASP B 41 -18.09 -9.51 -3.17
CA ASP B 41 -18.48 -8.75 -4.36
C ASP B 41 -17.23 -8.42 -5.17
N GLY B 42 -17.30 -8.61 -6.48
CA GLY B 42 -16.20 -8.26 -7.35
C GLY B 42 -15.09 -9.29 -7.42
N PHE B 43 -15.29 -10.43 -6.75
CA PHE B 43 -14.36 -11.56 -6.83
C PHE B 43 -14.20 -11.97 -8.29
N VAL B 44 -12.97 -12.24 -8.71
CA VAL B 44 -12.72 -12.59 -10.11
C VAL B 44 -12.63 -14.11 -10.31
N PHE B 45 -13.62 -14.67 -11.01
CA PHE B 45 -13.59 -16.07 -11.39
C PHE B 45 -13.14 -16.22 -12.83
N GLY B 46 -12.13 -17.05 -13.05
CA GLY B 46 -11.60 -17.23 -14.39
C GLY B 46 -11.16 -18.63 -14.72
N ALA B 47 -10.59 -18.77 -15.91
CA ALA B 47 -9.92 -19.99 -16.33
C ALA B 47 -8.52 -19.61 -16.78
N ALA B 48 -7.60 -20.58 -16.80
CA ALA B 48 -6.21 -20.27 -17.09
C ALA B 48 -5.69 -21.00 -18.33
N SER B 49 -4.58 -20.50 -18.86
CA SER B 49 -3.94 -21.06 -20.04
C SER B 49 -2.48 -20.63 -20.04
N SER B 50 -1.68 -21.18 -20.95
CA SER B 50 -0.36 -20.62 -21.22
C SER B 50 -0.03 -20.75 -22.70
N ALA B 51 0.94 -19.96 -23.16
CA ALA B 51 1.22 -19.82 -24.58
C ALA B 51 1.65 -21.13 -25.25
N TYR B 52 2.67 -21.78 -24.71
CA TYR B 52 3.17 -22.98 -25.39
C TYR B 52 2.15 -24.12 -25.33
N GLN B 53 1.38 -24.18 -24.25
CA GLN B 53 0.43 -25.26 -24.07
C GLN B 53 -0.82 -25.12 -24.92
N PHE B 54 -1.12 -23.90 -25.36
CA PHE B 54 -2.38 -23.62 -26.07
C PHE B 54 -2.23 -23.15 -27.52
N GLU B 55 -1.25 -22.30 -27.80
CA GLU B 55 -1.27 -21.50 -29.04
C GLU B 55 -1.06 -22.28 -30.34
N GLY B 56 -0.05 -23.15 -30.36
CA GLY B 56 0.40 -23.71 -31.62
C GLY B 56 1.07 -22.62 -32.45
N ALA B 57 0.99 -22.73 -33.78
CA ALA B 57 1.66 -21.78 -34.67
C ALA B 57 3.10 -21.54 -34.21
N ALA B 58 3.77 -22.63 -33.86
CA ALA B 58 5.08 -22.56 -33.23
C ALA B 58 6.11 -21.94 -34.16
N LYS B 59 5.89 -22.13 -35.45
CA LYS B 59 6.81 -21.64 -36.47
C LYS B 59 6.11 -20.72 -37.45
N GLU B 60 5.03 -20.08 -36.99
CA GLU B 60 4.22 -19.22 -37.82
C GLU B 60 4.16 -17.78 -37.30
N GLY B 61 3.73 -16.87 -38.16
CA GLY B 61 3.47 -15.50 -37.74
C GLY B 61 4.72 -14.76 -37.29
N GLY B 62 5.86 -15.19 -37.81
CA GLY B 62 7.12 -14.51 -37.52
C GLY B 62 7.75 -14.91 -36.20
N LYS B 63 7.18 -15.91 -35.53
CA LYS B 63 7.69 -16.35 -34.23
C LYS B 63 9.03 -17.06 -34.37
N GLY B 64 9.94 -16.78 -33.43
CA GLY B 64 11.20 -17.48 -33.34
C GLY B 64 11.12 -18.69 -32.41
N PRO B 65 12.17 -19.52 -32.39
CA PRO B 65 12.08 -20.75 -31.59
C PRO B 65 12.29 -20.47 -30.10
N ASN B 66 11.64 -21.26 -29.25
CA ASN B 66 11.89 -21.18 -27.82
C ASN B 66 12.42 -22.52 -27.31
N ILE B 67 12.80 -22.57 -26.03
CA ILE B 67 13.45 -23.76 -25.50
C ILE B 67 12.50 -24.96 -25.43
N TRP B 68 11.19 -24.71 -25.51
CA TRP B 68 10.25 -25.82 -25.49
C TRP B 68 10.06 -26.39 -26.90
N ASP B 69 10.16 -25.55 -27.91
CA ASP B 69 10.28 -26.03 -29.29
C ASP B 69 11.46 -26.98 -29.37
N THR B 70 12.59 -26.53 -28.84
CA THR B 70 13.84 -27.29 -28.89
C THR B 70 13.75 -28.58 -28.08
N PHE B 71 13.24 -28.47 -26.86
CA PHE B 71 13.16 -29.61 -25.94
C PHE B 71 12.26 -30.73 -26.46
N THR B 72 11.06 -30.38 -26.92
CA THR B 72 10.13 -31.42 -27.37
C THR B 72 10.62 -32.10 -28.65
N HIS B 73 11.32 -31.37 -29.50
CA HIS B 73 11.80 -31.96 -30.75
C HIS B 73 13.10 -32.74 -30.58
N GLU B 74 13.94 -32.34 -29.63
CA GLU B 74 15.23 -33.01 -29.45
C GLU B 74 15.22 -34.06 -28.33
N PHE B 75 14.19 -34.03 -27.47
CA PHE B 75 14.06 -35.07 -26.45
C PHE B 75 12.64 -35.65 -26.38
N PRO B 76 12.19 -36.31 -27.46
CA PRO B 76 10.85 -36.88 -27.52
C PRO B 76 10.63 -37.96 -26.46
N GLY B 77 11.71 -38.57 -25.99
CA GLY B 77 11.63 -39.57 -24.94
C GLY B 77 11.21 -38.97 -23.61
N LYS B 78 11.35 -37.65 -23.49
CA LYS B 78 11.00 -36.98 -22.24
C LYS B 78 9.59 -36.40 -22.28
N ILE B 79 8.89 -36.63 -23.40
CA ILE B 79 7.48 -36.25 -23.53
C ILE B 79 6.64 -37.48 -23.81
N SER B 80 5.50 -37.64 -23.12
CA SER B 80 4.59 -38.74 -23.39
C SER B 80 4.22 -38.82 -24.87
N ASN B 81 4.40 -40.00 -25.46
CA ASN B 81 4.13 -40.28 -26.88
C ASN B 81 4.89 -39.40 -27.86
N GLY B 82 5.95 -38.75 -27.41
CA GLY B 82 6.76 -37.90 -28.26
C GLY B 82 5.96 -36.76 -28.88
N SER B 83 5.08 -36.16 -28.08
CA SER B 83 4.26 -35.06 -28.54
C SER B 83 4.98 -33.71 -28.47
N THR B 84 4.43 -32.71 -29.16
CA THR B 84 4.97 -31.35 -29.10
C THR B 84 3.83 -30.35 -28.98
N GLY B 85 4.18 -29.08 -28.77
CA GLY B 85 3.21 -28.01 -28.80
C GLY B 85 3.23 -27.28 -30.13
N ASP B 86 3.64 -27.99 -31.19
CA ASP B 86 3.68 -27.42 -32.53
C ASP B 86 2.33 -26.83 -32.92
N VAL B 87 1.27 -27.59 -32.62
CA VAL B 87 -0.10 -27.17 -32.93
C VAL B 87 -0.93 -26.95 -31.65
N ALA B 88 -0.74 -27.82 -30.66
CA ALA B 88 -1.44 -27.69 -29.39
C ALA B 88 -2.96 -27.57 -29.58
N ASP B 89 -3.56 -26.52 -29.03
CA ASP B 89 -4.99 -26.27 -29.21
C ASP B 89 -5.27 -25.39 -30.43
N ASP B 90 -4.20 -24.96 -31.10
CA ASP B 90 -4.29 -23.97 -32.17
C ASP B 90 -5.08 -22.74 -31.73
N PHE B 91 -4.89 -22.33 -30.47
CA PHE B 91 -5.51 -21.13 -29.94
C PHE B 91 -5.09 -19.89 -30.75
N TYR B 92 -3.92 -19.97 -31.38
CA TYR B 92 -3.43 -18.85 -32.19
C TYR B 92 -4.41 -18.49 -33.30
N HIS B 93 -5.01 -19.51 -33.92
CA HIS B 93 -5.95 -19.28 -35.00
C HIS B 93 -7.40 -19.28 -34.51
N ARG B 94 -7.66 -19.99 -33.41
CA ARG B 94 -9.04 -20.23 -32.98
C ARG B 94 -9.52 -19.30 -31.86
N TYR B 95 -8.73 -18.28 -31.52
CA TYR B 95 -8.99 -17.49 -30.33
C TYR B 95 -10.38 -16.85 -30.32
N LYS B 96 -10.90 -16.46 -31.48
CA LYS B 96 -12.21 -15.82 -31.53
C LYS B 96 -13.31 -16.74 -31.03
N GLU B 97 -13.32 -17.98 -31.52
CA GLU B 97 -14.31 -18.95 -31.08
C GLU B 97 -14.10 -19.32 -29.61
N ASP B 98 -12.84 -19.38 -29.19
CA ASP B 98 -12.52 -19.71 -27.81
C ASP B 98 -13.00 -18.63 -26.83
N VAL B 99 -12.85 -17.37 -27.23
CA VAL B 99 -13.30 -16.26 -26.38
C VAL B 99 -14.83 -16.32 -26.22
N LYS B 100 -15.52 -16.81 -27.25
CA LYS B 100 -16.96 -17.00 -27.15
C LYS B 100 -17.33 -18.06 -26.11
N VAL B 101 -16.49 -19.08 -25.99
CA VAL B 101 -16.72 -20.11 -24.98
C VAL B 101 -16.54 -19.54 -23.57
N LEU B 102 -15.48 -18.75 -23.39
CA LEU B 102 -15.24 -18.07 -22.11
C LEU B 102 -16.44 -17.22 -21.71
N LYS B 103 -17.01 -16.54 -22.69
CA LYS B 103 -18.19 -15.71 -22.47
C LYS B 103 -19.41 -16.58 -22.13
N PHE B 104 -19.56 -17.69 -22.85
CA PHE B 104 -20.64 -18.64 -22.60
C PHE B 104 -20.62 -19.16 -21.16
N ILE B 105 -19.43 -19.45 -20.66
CA ILE B 105 -19.26 -19.92 -19.29
C ILE B 105 -19.58 -18.78 -18.30
N GLY B 106 -19.26 -17.55 -18.70
CA GLY B 106 -19.62 -16.38 -17.90
C GLY B 106 -18.48 -15.91 -17.01
N LEU B 107 -17.25 -16.19 -17.42
CA LEU B 107 -16.08 -15.87 -16.61
C LEU B 107 -15.81 -14.37 -16.51
N ASP B 108 -15.26 -13.96 -15.36
CA ASP B 108 -14.82 -12.59 -15.10
C ASP B 108 -13.44 -12.32 -15.66
N GLY B 109 -12.60 -13.35 -15.68
CA GLY B 109 -11.21 -13.17 -16.06
C GLY B 109 -10.67 -14.32 -16.87
N PHE B 110 -9.56 -14.07 -17.56
CA PHE B 110 -8.87 -15.10 -18.32
C PHE B 110 -7.37 -14.94 -18.14
N ARG B 111 -6.72 -15.99 -17.65
CA ARG B 111 -5.28 -15.99 -17.48
C ARG B 111 -4.63 -16.61 -18.72
N MET B 112 -3.67 -15.89 -19.28
CA MET B 112 -2.95 -16.32 -20.47
C MET B 112 -1.54 -15.77 -20.42
N SER B 113 -0.63 -16.34 -21.19
CA SER B 113 0.74 -15.84 -21.14
C SER B 113 1.21 -15.33 -22.49
N ILE B 114 2.25 -14.50 -22.46
CA ILE B 114 2.85 -13.97 -23.68
C ILE B 114 4.00 -14.86 -24.11
N SER B 115 3.99 -15.29 -25.36
CA SER B 115 5.14 -16.02 -25.90
C SER B 115 6.29 -15.08 -26.23
N TRP B 116 7.34 -15.12 -25.42
CA TRP B 116 8.50 -14.25 -25.56
C TRP B 116 9.03 -14.25 -27.00
N ALA B 117 9.23 -15.44 -27.57
CA ALA B 117 9.81 -15.54 -28.90
C ALA B 117 8.82 -15.22 -30.02
N ARG B 118 7.53 -15.09 -29.68
CA ARG B 118 6.56 -14.65 -30.68
C ARG B 118 6.64 -13.13 -30.85
N VAL B 119 6.90 -12.40 -29.77
CA VAL B 119 6.95 -10.94 -29.85
C VAL B 119 8.38 -10.44 -30.03
N LEU B 120 9.34 -11.21 -29.53
CA LEU B 120 10.76 -10.90 -29.69
C LEU B 120 11.50 -12.15 -30.16
N PRO B 121 11.46 -12.42 -31.47
CA PRO B 121 11.95 -13.69 -32.04
C PRO B 121 13.42 -13.99 -31.71
N ARG B 122 14.24 -12.97 -31.51
CA ARG B 122 15.64 -13.19 -31.17
C ARG B 122 15.91 -12.86 -29.70
N GLY B 123 14.84 -12.79 -28.90
CA GLY B 123 14.98 -12.61 -27.46
C GLY B 123 15.25 -11.19 -27.00
N LYS B 124 16.34 -10.61 -27.49
CA LYS B 124 16.73 -9.27 -27.11
C LYS B 124 15.92 -8.22 -27.87
N LEU B 125 15.70 -7.09 -27.22
CA LEU B 125 15.00 -5.97 -27.85
C LEU B 125 15.68 -5.56 -29.17
N SER B 126 17.01 -5.58 -29.17
CA SER B 126 17.78 -5.18 -30.35
C SER B 126 17.58 -6.12 -31.54
N GLY B 127 17.06 -7.32 -31.27
CA GLY B 127 16.81 -8.30 -32.32
C GLY B 127 15.55 -8.05 -33.12
N GLY B 128 14.77 -7.05 -32.70
CA GLY B 128 13.57 -6.68 -33.44
C GLY B 128 12.27 -7.15 -32.80
N VAL B 129 11.25 -6.30 -32.88
CA VAL B 129 9.91 -6.66 -32.41
C VAL B 129 9.09 -7.23 -33.57
N ASN B 130 8.42 -8.35 -33.32
CA ASN B 130 7.58 -8.99 -34.32
C ASN B 130 6.15 -8.43 -34.29
N LYS B 131 5.85 -7.51 -35.21
CA LYS B 131 4.56 -6.82 -35.20
C LYS B 131 3.37 -7.79 -35.32
N GLU B 132 3.53 -8.87 -36.07
CA GLU B 132 2.46 -9.85 -36.23
C GLU B 132 2.17 -10.56 -34.91
N GLY B 133 3.22 -10.74 -34.10
CA GLY B 133 3.07 -11.32 -32.77
C GLY B 133 2.34 -10.40 -31.82
N ILE B 134 2.74 -9.13 -31.80
CA ILE B 134 2.07 -8.12 -31.01
C ILE B 134 0.59 -8.04 -31.39
N ALA B 135 0.32 -8.11 -32.68
CA ALA B 135 -1.03 -7.99 -33.20
C ALA B 135 -1.93 -9.10 -32.67
N PHE B 136 -1.40 -10.31 -32.62
CA PHE B 136 -2.16 -11.45 -32.10
C PHE B 136 -2.64 -11.17 -30.67
N TYR B 137 -1.72 -10.77 -29.81
CA TYR B 137 -2.08 -10.55 -28.42
C TYR B 137 -3.05 -9.37 -28.29
N ASN B 138 -2.83 -8.32 -29.08
CA ASN B 138 -3.80 -7.23 -29.10
C ASN B 138 -5.18 -7.73 -29.52
N ASN B 139 -5.24 -8.60 -30.52
CA ASN B 139 -6.51 -9.13 -30.99
C ASN B 139 -7.23 -9.93 -29.90
N VAL B 140 -6.46 -10.74 -29.17
CA VAL B 140 -7.04 -11.54 -28.09
C VAL B 140 -7.54 -10.64 -26.96
N ILE B 141 -6.71 -9.69 -26.53
CA ILE B 141 -7.05 -8.77 -25.46
C ILE B 141 -8.28 -7.93 -25.80
N ASN B 142 -8.34 -7.42 -27.03
CA ASN B 142 -9.48 -6.61 -27.43
C ASN B 142 -10.78 -7.41 -27.45
N ASP B 143 -10.69 -8.67 -27.85
CA ASP B 143 -11.87 -9.52 -27.91
C ASP B 143 -12.33 -9.86 -26.48
N LEU B 144 -11.37 -10.24 -25.63
CA LEU B 144 -11.67 -10.51 -24.22
C LEU B 144 -12.38 -9.34 -23.56
N LEU B 145 -11.83 -8.14 -23.73
CA LEU B 145 -12.41 -6.96 -23.13
C LEU B 145 -13.81 -6.65 -23.64
N SER B 146 -14.08 -6.94 -24.91
CA SER B 146 -15.43 -6.71 -25.45
C SER B 146 -16.44 -7.66 -24.79
N LYS B 147 -15.96 -8.78 -24.27
CA LYS B 147 -16.83 -9.74 -23.58
C LYS B 147 -16.85 -9.51 -22.07
N GLY B 148 -16.18 -8.44 -21.63
CA GLY B 148 -16.17 -8.09 -20.23
C GLY B 148 -15.28 -9.01 -19.42
N ILE B 149 -14.28 -9.58 -20.07
CA ILE B 149 -13.35 -10.50 -19.42
C ILE B 149 -11.98 -9.85 -19.22
N GLN B 150 -11.55 -9.76 -17.95
CA GLN B 150 -10.28 -9.14 -17.60
C GLN B 150 -9.11 -10.06 -17.94
N PRO B 151 -8.17 -9.58 -18.77
CA PRO B 151 -6.96 -10.37 -19.01
C PRO B 151 -6.00 -10.32 -17.82
N PHE B 152 -5.65 -11.49 -17.30
CA PHE B 152 -4.59 -11.62 -16.32
C PHE B 152 -3.41 -12.21 -17.07
N ILE B 153 -2.41 -11.40 -17.36
CA ILE B 153 -1.34 -11.80 -18.27
C ILE B 153 -0.08 -12.21 -17.55
N THR B 154 0.30 -13.47 -17.74
CA THR B 154 1.59 -13.99 -17.32
C THR B 154 2.64 -13.63 -18.35
N ILE B 155 3.64 -12.84 -17.98
CA ILE B 155 4.66 -12.44 -18.94
C ILE B 155 5.53 -13.64 -19.35
N PHE B 156 5.99 -14.42 -18.37
CA PHE B 156 6.86 -15.55 -18.66
C PHE B 156 6.36 -16.87 -18.08
N HIS B 157 5.87 -17.75 -18.95
CA HIS B 157 5.40 -19.07 -18.55
C HIS B 157 6.29 -20.15 -19.19
N TRP B 158 7.60 -19.98 -19.00
CA TRP B 158 8.67 -20.96 -19.24
C TRP B 158 9.24 -20.98 -20.67
N ASP B 159 8.55 -20.36 -21.63
CA ASP B 159 8.96 -20.48 -23.03
C ASP B 159 10.01 -19.44 -23.43
N LEU B 160 11.20 -19.58 -22.85
CA LEU B 160 12.34 -18.72 -23.13
C LEU B 160 12.80 -18.82 -24.58
N PRO B 161 13.09 -17.67 -25.22
CA PRO B 161 13.63 -17.71 -26.58
C PRO B 161 14.94 -18.50 -26.65
N GLN B 162 15.07 -19.39 -27.63
CA GLN B 162 16.29 -20.18 -27.79
C GLN B 162 17.52 -19.29 -27.95
N ALA B 163 17.32 -18.10 -28.51
CA ALA B 163 18.42 -17.16 -28.74
C ALA B 163 19.12 -16.75 -27.43
N LEU B 164 18.35 -16.65 -26.35
CA LEU B 164 18.91 -16.22 -25.08
C LEU B 164 19.53 -17.41 -24.34
N GLU B 165 18.92 -18.58 -24.50
CA GLU B 165 19.48 -19.80 -23.95
C GLU B 165 20.84 -20.08 -24.59
N ASP B 166 20.92 -19.85 -25.90
CA ASP B 166 22.16 -20.07 -26.63
C ASP B 166 23.23 -19.05 -26.30
N GLU B 167 22.86 -17.78 -26.18
CA GLU B 167 23.83 -16.71 -25.98
C GLU B 167 24.56 -16.82 -24.64
N TYR B 168 23.82 -16.97 -23.55
CA TYR B 168 24.44 -16.97 -22.23
C TYR B 168 23.85 -17.98 -21.25
N GLY B 169 23.13 -18.97 -21.76
CA GLY B 169 22.57 -20.01 -20.92
C GLY B 169 21.30 -19.62 -20.18
N GLY B 170 20.55 -18.68 -20.74
CA GLY B 170 19.29 -18.25 -20.14
C GLY B 170 19.42 -17.80 -18.70
N PHE B 171 18.61 -18.37 -17.81
CA PHE B 171 18.58 -17.93 -16.42
C PHE B 171 19.78 -18.40 -15.60
N LEU B 172 20.75 -19.05 -16.24
CA LEU B 172 22.02 -19.34 -15.59
C LEU B 172 22.87 -18.08 -15.46
N SER B 173 22.56 -17.08 -16.29
CA SER B 173 23.37 -15.87 -16.38
C SER B 173 22.67 -14.62 -15.88
N PRO B 174 23.42 -13.71 -15.23
CA PRO B 174 22.80 -12.45 -14.78
C PRO B 174 22.33 -11.60 -15.96
N HIS B 175 22.82 -11.92 -17.16
CA HIS B 175 22.42 -11.20 -18.37
C HIS B 175 20.92 -11.31 -18.64
N ILE B 176 20.30 -12.38 -18.16
CA ILE B 176 18.88 -12.59 -18.37
C ILE B 176 18.03 -11.47 -17.76
N VAL B 177 18.55 -10.82 -16.72
CA VAL B 177 17.74 -9.87 -15.94
C VAL B 177 17.29 -8.67 -16.79
N ASN B 178 18.23 -8.08 -17.53
CA ASN B 178 17.88 -6.90 -18.30
C ASN B 178 17.13 -7.24 -19.59
N ASP B 179 17.37 -8.43 -20.13
CA ASP B 179 16.59 -8.89 -21.28
C ASP B 179 15.16 -9.21 -20.86
N PHE B 180 15.00 -9.79 -19.68
CA PHE B 180 13.67 -10.05 -19.14
C PHE B 180 12.94 -8.72 -18.92
N ARG B 181 13.65 -7.75 -18.35
CA ARG B 181 13.07 -6.44 -18.09
C ARG B 181 12.60 -5.75 -19.37
N ASP B 182 13.37 -5.89 -20.45
CA ASP B 182 13.00 -5.29 -21.73
C ASP B 182 11.76 -5.95 -22.31
N PHE B 183 11.66 -7.27 -22.14
CA PHE B 183 10.51 -8.04 -22.57
C PHE B 183 9.27 -7.59 -21.80
N ALA B 184 9.42 -7.47 -20.48
CA ALA B 184 8.31 -7.02 -19.65
C ALA B 184 7.91 -5.60 -20.05
N GLU B 185 8.88 -4.74 -20.34
CA GLU B 185 8.56 -3.37 -20.75
C GLU B 185 7.79 -3.36 -22.07
N LEU B 186 8.18 -4.21 -23.01
CA LEU B 186 7.47 -4.30 -24.28
C LEU B 186 6.00 -4.62 -24.03
N CYS B 187 5.76 -5.58 -23.13
CA CYS B 187 4.39 -5.95 -22.76
C CYS B 187 3.64 -4.77 -22.14
N PHE B 188 4.29 -4.04 -21.24
CA PHE B 188 3.66 -2.87 -20.60
C PHE B 188 3.30 -1.82 -21.66
N LYS B 189 4.25 -1.55 -22.55
CA LYS B 189 4.04 -0.52 -23.57
C LYS B 189 2.96 -0.88 -24.58
N GLU B 190 2.94 -2.13 -25.01
CA GLU B 190 2.01 -2.52 -26.06
C GLU B 190 0.61 -2.88 -25.53
N PHE B 191 0.54 -3.39 -24.30
CA PHE B 191 -0.72 -3.96 -23.80
C PHE B 191 -1.23 -3.30 -22.52
N GLY B 192 -0.37 -2.55 -21.85
CA GLY B 192 -0.65 -2.05 -20.52
C GLY B 192 -1.79 -1.05 -20.42
N ASP B 193 -2.18 -0.49 -21.56
CA ASP B 193 -3.32 0.42 -21.57
C ASP B 193 -4.63 -0.33 -21.35
N ARG B 194 -4.60 -1.63 -21.61
CA ARG B 194 -5.79 -2.47 -21.52
C ARG B 194 -5.63 -3.57 -20.46
N VAL B 195 -4.40 -3.98 -20.19
CA VAL B 195 -4.14 -5.03 -19.19
C VAL B 195 -3.83 -4.42 -17.83
N LYS B 196 -4.59 -4.80 -16.81
CA LYS B 196 -4.43 -4.20 -15.49
C LYS B 196 -3.97 -5.19 -14.42
N HIS B 197 -3.74 -6.44 -14.81
CA HIS B 197 -3.16 -7.43 -13.91
C HIS B 197 -2.05 -8.18 -14.59
N TRP B 198 -0.83 -7.98 -14.07
CA TRP B 198 0.39 -8.58 -14.61
C TRP B 198 0.97 -9.60 -13.66
N ILE B 199 1.39 -10.74 -14.21
CA ILE B 199 2.11 -11.75 -13.48
C ILE B 199 3.47 -11.92 -14.15
N THR B 200 4.55 -11.58 -13.45
CA THR B 200 5.88 -11.57 -14.08
C THR B 200 6.24 -12.95 -14.61
N MET B 201 6.02 -13.98 -13.80
CA MET B 201 6.38 -15.33 -14.20
C MET B 201 5.53 -16.38 -13.50
N ASN B 202 5.40 -17.52 -14.15
CA ASN B 202 4.70 -18.66 -13.59
C ASN B 202 5.65 -19.66 -12.95
N GLU B 203 5.43 -19.95 -11.67
CA GLU B 203 6.11 -21.04 -10.97
C GLU B 203 7.61 -21.12 -11.21
N PRO B 204 8.36 -20.15 -10.69
CA PRO B 204 9.82 -20.24 -10.85
C PRO B 204 10.38 -21.51 -10.18
N TRP B 205 9.69 -22.05 -9.18
CA TRP B 205 10.10 -23.34 -8.62
C TRP B 205 10.14 -24.41 -9.70
N SER B 206 9.10 -24.45 -10.52
CA SER B 206 9.01 -25.49 -11.56
C SER B 206 10.12 -25.32 -12.60
N TYR B 207 10.38 -24.06 -12.97
CA TYR B 207 11.41 -23.78 -13.96
C TYR B 207 12.77 -24.23 -13.45
N SER B 208 13.06 -23.94 -12.19
CA SER B 208 14.35 -24.30 -11.62
C SER B 208 14.46 -25.79 -11.32
N TYR B 209 13.56 -26.33 -10.51
CA TYR B 209 13.58 -27.75 -10.20
C TYR B 209 13.46 -28.60 -11.46
N GLY B 210 12.44 -28.32 -12.27
CA GLY B 210 12.16 -29.14 -13.43
C GLY B 210 13.23 -29.04 -14.50
N GLY B 211 13.77 -27.85 -14.69
CA GLY B 211 14.71 -27.61 -15.77
C GLY B 211 16.17 -27.87 -15.43
N TYR B 212 16.51 -27.85 -14.14
CA TYR B 212 17.91 -27.87 -13.73
C TYR B 212 18.26 -28.87 -12.62
N ASP B 213 17.25 -29.42 -11.94
CA ASP B 213 17.52 -30.47 -10.96
C ASP B 213 17.19 -31.81 -11.59
N ALA B 214 15.92 -31.98 -11.98
CA ALA B 214 15.44 -33.27 -12.48
C ALA B 214 15.58 -33.42 -14.00
N GLY B 215 15.80 -32.30 -14.69
CA GLY B 215 15.95 -32.30 -16.14
C GLY B 215 14.71 -32.77 -16.87
N LEU B 216 13.55 -32.60 -16.24
CA LEU B 216 12.28 -33.07 -16.76
C LEU B 216 11.61 -32.05 -17.68
N LEU B 217 11.99 -30.78 -17.49
CA LEU B 217 11.44 -29.69 -18.27
C LEU B 217 12.56 -29.01 -19.05
N ALA B 218 12.20 -28.28 -20.11
CA ALA B 218 13.17 -27.48 -20.84
C ALA B 218 13.84 -26.52 -19.85
N PRO B 219 15.15 -26.29 -20.01
CA PRO B 219 16.04 -26.79 -21.08
C PRO B 219 16.60 -28.20 -20.85
N GLY B 220 16.10 -28.92 -19.85
CA GLY B 220 16.48 -30.31 -19.65
C GLY B 220 17.91 -30.52 -19.18
N ARG B 221 18.30 -29.85 -18.11
CA ARG B 221 19.64 -29.97 -17.54
C ARG B 221 19.59 -30.68 -16.18
N CYS B 222 20.62 -31.50 -15.91
CA CYS B 222 20.76 -32.16 -14.62
C CYS B 222 22.17 -32.76 -14.52
N SER B 223 22.51 -33.27 -13.33
CA SER B 223 23.85 -33.80 -13.11
C SER B 223 24.12 -35.05 -13.94
N ALA B 224 25.36 -35.20 -14.37
CA ALA B 224 25.77 -36.32 -15.22
C ALA B 224 25.49 -37.69 -14.58
N PHE B 225 25.56 -37.79 -13.25
CA PHE B 225 25.39 -39.10 -12.62
C PHE B 225 23.96 -39.62 -12.79
N MET B 226 23.03 -38.72 -13.16
CA MET B 226 21.65 -39.13 -13.38
C MET B 226 21.45 -39.88 -14.70
N ALA B 227 22.44 -39.78 -15.60
CA ALA B 227 22.37 -40.35 -16.93
C ALA B 227 21.06 -39.98 -17.66
N PHE B 228 20.70 -38.71 -17.62
CA PHE B 228 19.38 -38.26 -18.06
C PHE B 228 19.46 -36.97 -18.89
N CYS B 229 20.52 -36.20 -18.69
CA CYS B 229 20.69 -34.94 -19.42
C CYS B 229 22.10 -34.83 -19.99
N PRO B 230 22.24 -34.19 -21.16
CA PRO B 230 23.58 -33.97 -21.74
C PRO B 230 24.46 -33.09 -20.87
N LYS B 231 23.84 -32.08 -20.26
CA LYS B 231 24.57 -31.08 -19.48
C LYS B 231 23.88 -30.77 -18.17
N GLY B 232 24.61 -30.21 -17.22
CA GLY B 232 23.99 -29.69 -16.02
C GLY B 232 24.67 -30.03 -14.72
N ASN B 233 24.08 -29.58 -13.64
CA ASN B 233 24.56 -29.80 -12.29
C ASN B 233 23.39 -29.55 -11.34
N SER B 234 22.76 -30.62 -10.89
CA SER B 234 21.57 -30.54 -10.05
C SER B 234 21.86 -29.98 -8.66
N GLY B 235 23.14 -29.94 -8.29
CA GLY B 235 23.54 -29.44 -6.99
C GLY B 235 23.77 -27.95 -6.94
N THR B 236 24.03 -27.35 -8.10
CA THR B 236 24.39 -25.93 -8.14
C THR B 236 23.42 -25.10 -8.96
N GLU B 237 23.05 -25.60 -10.14
CA GLU B 237 22.29 -24.81 -11.10
C GLU B 237 20.87 -24.41 -10.67
N PRO B 238 20.14 -25.28 -9.94
CA PRO B 238 18.84 -24.80 -9.45
C PRO B 238 18.93 -23.52 -8.60
N TYR B 239 19.98 -23.40 -7.80
CA TYR B 239 20.11 -22.23 -6.94
C TYR B 239 20.54 -21.00 -7.74
N ILE B 240 21.40 -21.23 -8.73
CA ILE B 240 21.82 -20.15 -9.62
C ILE B 240 20.62 -19.58 -10.37
N VAL B 241 19.81 -20.47 -10.93
CA VAL B 241 18.67 -20.09 -11.74
C VAL B 241 17.59 -19.41 -10.91
N THR B 242 17.33 -19.92 -9.72
CA THR B 242 16.32 -19.32 -8.86
C THR B 242 16.70 -17.89 -8.48
N HIS B 243 17.98 -17.67 -8.20
CA HIS B 243 18.46 -16.33 -7.88
C HIS B 243 18.14 -15.36 -9.03
N ASN B 244 18.43 -15.78 -10.26
CA ASN B 244 18.21 -14.91 -11.41
C ASN B 244 16.73 -14.75 -11.75
N LEU B 245 15.93 -15.77 -11.46
CA LEU B 245 14.48 -15.64 -11.64
C LEU B 245 13.94 -14.57 -10.71
N LEU B 246 14.36 -14.61 -9.45
CA LEU B 246 13.90 -13.63 -8.48
C LEU B 246 14.36 -12.23 -8.85
N LEU B 247 15.60 -12.11 -9.33
CA LEU B 247 16.14 -10.81 -9.72
C LEU B 247 15.47 -10.26 -10.97
N SER B 248 15.10 -11.16 -11.89
CA SER B 248 14.42 -10.77 -13.11
C SER B 248 13.00 -10.28 -12.80
N HIS B 249 12.32 -11.04 -11.96
CA HIS B 249 11.01 -10.62 -11.44
C HIS B 249 11.08 -9.24 -10.82
N ALA B 250 12.06 -9.05 -9.93
CA ALA B 250 12.17 -7.81 -9.17
C ALA B 250 12.45 -6.63 -10.07
N ALA B 251 13.24 -6.86 -11.12
CA ALA B 251 13.58 -5.79 -12.06
C ALA B 251 12.34 -5.34 -12.83
N ALA B 252 11.49 -6.29 -13.22
CA ALA B 252 10.29 -5.98 -13.97
C ALA B 252 9.28 -5.22 -13.10
N VAL B 253 9.19 -5.61 -11.83
CA VAL B 253 8.29 -4.95 -10.90
C VAL B 253 8.73 -3.51 -10.66
N LYS B 254 10.02 -3.31 -10.43
CA LYS B 254 10.56 -1.97 -10.23
C LYS B 254 10.20 -1.07 -11.40
N LEU B 255 10.42 -1.59 -12.61
CA LEU B 255 10.12 -0.83 -13.83
C LEU B 255 8.64 -0.51 -13.94
N TYR B 256 7.79 -1.49 -13.64
CA TYR B 256 6.36 -1.25 -13.73
C TYR B 256 5.93 -0.17 -12.75
N LYS B 257 6.35 -0.30 -11.51
CA LYS B 257 5.95 0.64 -10.46
C LYS B 257 6.40 2.07 -10.77
N GLU B 258 7.61 2.21 -11.30
CA GLU B 258 8.21 3.53 -11.46
C GLU B 258 7.83 4.22 -12.77
N LYS B 259 7.52 3.45 -13.81
CA LYS B 259 7.34 4.02 -15.13
C LYS B 259 5.92 3.85 -15.70
N TYR B 260 5.16 2.87 -15.20
CA TYR B 260 3.87 2.55 -15.82
C TYR B 260 2.66 2.51 -14.89
N GLN B 261 2.87 2.14 -13.64
CA GLN B 261 1.75 1.92 -12.73
C GLN B 261 0.91 3.18 -12.49
N ALA B 262 1.57 4.32 -12.34
CA ALA B 262 0.86 5.57 -12.06
C ALA B 262 -0.13 5.91 -13.17
N TYR B 263 0.26 5.70 -14.43
CA TYR B 263 -0.60 6.03 -15.56
C TYR B 263 -1.54 4.90 -15.95
N GLN B 264 -1.06 3.66 -15.93
CA GLN B 264 -1.88 2.53 -16.39
C GLN B 264 -2.77 1.97 -15.27
N LYS B 265 -2.36 2.20 -14.02
CA LYS B 265 -3.13 1.86 -12.84
C LYS B 265 -3.50 0.37 -12.75
N GLY B 266 -2.58 -0.48 -13.18
CA GLY B 266 -2.74 -1.92 -12.99
C GLY B 266 -2.02 -2.40 -11.75
N GLN B 267 -2.00 -3.71 -11.56
CA GLN B 267 -1.30 -4.36 -10.44
C GLN B 267 -0.32 -5.39 -10.99
N ILE B 268 0.77 -5.63 -10.28
CA ILE B 268 1.75 -6.60 -10.73
C ILE B 268 2.15 -7.56 -9.61
N GLY B 269 2.29 -8.84 -9.94
CA GLY B 269 2.59 -9.85 -8.95
C GLY B 269 3.38 -10.99 -9.56
N ILE B 270 3.38 -12.13 -8.89
CA ILE B 270 4.13 -13.30 -9.33
C ILE B 270 3.38 -14.54 -8.89
N THR B 271 3.47 -15.61 -9.68
CA THR B 271 2.74 -16.83 -9.35
C THR B 271 3.70 -17.89 -8.81
N LEU B 272 3.39 -18.40 -7.62
CA LEU B 272 4.19 -19.44 -6.98
C LEU B 272 3.36 -20.72 -6.83
N VAL B 273 4.04 -21.86 -6.86
CA VAL B 273 3.37 -23.14 -6.62
C VAL B 273 3.99 -23.82 -5.40
N THR B 274 3.17 -24.50 -4.62
CA THR B 274 3.70 -25.43 -3.64
C THR B 274 2.67 -26.50 -3.35
N TYR B 275 3.16 -27.68 -2.99
CA TYR B 275 2.34 -28.71 -2.39
C TYR B 275 2.11 -28.31 -0.94
N TRP B 276 0.99 -28.74 -0.35
CA TRP B 276 0.86 -28.61 1.09
C TRP B 276 1.50 -29.83 1.73
N MET B 277 2.35 -29.60 2.75
CA MET B 277 3.15 -30.70 3.31
C MET B 277 2.56 -31.20 4.63
N ILE B 278 2.32 -32.49 4.70
CA ILE B 278 1.79 -33.13 5.90
C ILE B 278 2.78 -34.16 6.43
N PRO B 279 3.16 -34.05 7.71
CA PRO B 279 4.10 -35.03 8.27
C PRO B 279 3.57 -36.46 8.15
N TYR B 280 4.41 -37.38 7.69
CA TYR B 280 4.00 -38.77 7.50
C TYR B 280 3.54 -39.40 8.81
N SER B 281 4.30 -39.12 9.88
CA SER B 281 3.95 -39.60 11.20
C SER B 281 3.93 -38.44 12.18
N ASN B 282 3.61 -38.72 13.44
CA ASN B 282 3.54 -37.68 14.46
C ASN B 282 4.90 -37.35 15.07
N SER B 283 5.96 -37.95 14.54
CA SER B 283 7.29 -37.71 15.07
C SER B 283 7.75 -36.30 14.78
N LYS B 284 8.64 -35.78 15.63
CA LYS B 284 9.25 -34.48 15.40
C LYS B 284 10.11 -34.50 14.14
N ALA B 285 10.76 -35.64 13.90
CA ALA B 285 11.59 -35.80 12.71
C ALA B 285 10.77 -35.59 11.43
N ASP B 286 9.57 -36.15 11.38
CA ASP B 286 8.73 -35.99 10.19
C ASP B 286 8.11 -34.59 10.13
N LYS B 287 7.81 -34.02 11.30
CA LYS B 287 7.24 -32.68 11.33
C LYS B 287 8.26 -31.68 10.80
N ASP B 288 9.51 -31.80 11.24
CA ASP B 288 10.60 -30.96 10.75
C ASP B 288 10.84 -31.19 9.25
N ALA B 289 10.74 -32.44 8.81
CA ALA B 289 10.92 -32.78 7.40
C ALA B 289 9.87 -32.14 6.53
N ALA B 290 8.62 -32.17 6.99
CA ALA B 290 7.52 -31.54 6.26
C ALA B 290 7.77 -30.04 6.08
N GLN B 291 8.25 -29.39 7.14
CA GLN B 291 8.52 -27.96 7.05
C GLN B 291 9.74 -27.66 6.16
N ARG B 292 10.73 -28.54 6.17
CA ARG B 292 11.88 -28.39 5.28
C ARG B 292 11.44 -28.49 3.83
N ALA B 293 10.56 -29.46 3.54
CA ALA B 293 10.02 -29.62 2.20
C ALA B 293 9.30 -28.36 1.77
N LEU B 294 8.52 -27.79 2.68
CA LEU B 294 7.79 -26.55 2.39
C LEU B 294 8.77 -25.38 2.22
N ASP B 295 9.77 -25.30 3.11
CA ASP B 295 10.83 -24.28 2.99
C ASP B 295 11.48 -24.30 1.61
N PHE B 296 11.83 -25.50 1.14
CA PHE B 296 12.59 -25.64 -0.08
C PHE B 296 11.75 -25.42 -1.34
N MET B 297 10.46 -25.76 -1.27
CA MET B 297 9.61 -25.58 -2.45
C MET B 297 9.00 -24.18 -2.49
N TYR B 298 8.42 -23.77 -1.37
CA TYR B 298 7.70 -22.52 -1.25
C TYR B 298 8.59 -21.38 -0.73
N GLY B 299 9.21 -21.62 0.41
CA GLY B 299 10.01 -20.61 1.10
C GLY B 299 11.15 -20.05 0.27
N TRP B 300 11.73 -20.92 -0.56
CA TRP B 300 12.75 -20.55 -1.53
C TRP B 300 12.44 -19.24 -2.25
N PHE B 301 11.16 -19.02 -2.51
CA PHE B 301 10.72 -17.82 -3.22
C PHE B 301 9.98 -16.83 -2.33
N ILE B 302 9.10 -17.33 -1.46
CA ILE B 302 8.26 -16.40 -0.73
C ILE B 302 9.03 -15.73 0.42
N GLU B 303 10.06 -16.36 0.96
CA GLU B 303 10.84 -15.68 2.01
C GLU B 303 11.69 -14.54 1.39
N PRO B 304 12.31 -14.75 0.22
CA PRO B 304 12.91 -13.57 -0.42
C PRO B 304 11.91 -12.47 -0.76
N LEU B 305 10.74 -12.83 -1.27
CA LEU B 305 9.73 -11.83 -1.64
C LEU B 305 9.16 -11.09 -0.42
N SER B 306 9.11 -11.76 0.73
N SER B 306 9.11 -11.75 0.72
CA SER B 306 8.53 -11.16 1.92
CA SER B 306 8.53 -11.16 1.92
C SER B 306 9.60 -10.57 2.84
N PHE B 307 10.73 -11.25 2.96
CA PHE B 307 11.77 -10.86 3.92
C PHE B 307 13.08 -10.37 3.29
N GLY B 308 13.28 -10.64 2.01
CA GLY B 308 14.52 -10.29 1.35
C GLY B 308 15.66 -11.24 1.68
N GLU B 309 15.30 -12.46 2.07
CA GLU B 309 16.28 -13.46 2.51
C GLU B 309 15.74 -14.86 2.24
N TYR B 310 16.64 -15.81 1.95
CA TYR B 310 16.25 -17.22 1.79
C TYR B 310 15.91 -17.85 3.15
N PRO B 311 15.15 -18.96 3.14
CA PRO B 311 14.81 -19.61 4.41
C PRO B 311 16.03 -20.08 5.17
N LYS B 312 15.97 -20.02 6.49
CA LYS B 312 17.08 -20.43 7.34
C LYS B 312 17.51 -21.87 7.10
N SER B 313 16.55 -22.77 6.91
CA SER B 313 16.88 -24.18 6.68
C SER B 313 17.68 -24.37 5.39
N MET B 314 17.41 -23.53 4.39
CA MET B 314 18.14 -23.62 3.13
C MET B 314 19.56 -23.08 3.29
N ARG B 315 19.71 -21.95 3.98
CA ARG B 315 21.03 -21.41 4.27
C ARG B 315 21.88 -22.45 5.01
N ARG B 316 21.24 -23.13 5.96
CA ARG B 316 21.93 -24.11 6.79
C ARG B 316 22.33 -25.37 6.00
N LEU B 317 21.39 -25.90 5.22
CA LEU B 317 21.60 -27.17 4.52
C LEU B 317 22.33 -27.03 3.18
N VAL B 318 22.13 -25.93 2.48
CA VAL B 318 22.74 -25.76 1.16
C VAL B 318 24.07 -25.01 1.27
N GLY B 319 24.18 -24.16 2.28
CA GLY B 319 25.39 -23.39 2.50
C GLY B 319 25.77 -22.51 1.33
N LYS B 320 27.04 -22.53 0.96
CA LYS B 320 27.57 -21.57 -0.01
C LYS B 320 27.12 -21.87 -1.45
N ARG B 321 26.44 -23.00 -1.66
CA ARG B 321 25.81 -23.28 -2.95
C ARG B 321 24.58 -22.39 -3.15
N LEU B 322 24.09 -21.82 -2.06
CA LEU B 322 22.93 -20.94 -2.10
C LEU B 322 23.43 -19.50 -2.14
N PRO B 323 23.14 -18.77 -3.23
CA PRO B 323 23.65 -17.39 -3.34
C PRO B 323 23.09 -16.49 -2.27
N ARG B 324 23.77 -15.38 -2.00
CA ARG B 324 23.25 -14.40 -1.07
C ARG B 324 22.81 -13.16 -1.83
N PHE B 325 21.75 -12.53 -1.34
CA PHE B 325 21.37 -11.23 -1.85
C PHE B 325 22.29 -10.15 -1.28
N THR B 326 22.76 -9.26 -2.12
CA THR B 326 23.43 -8.06 -1.62
C THR B 326 22.39 -7.21 -0.93
N LYS B 327 22.83 -6.20 -0.18
CA LYS B 327 21.86 -5.33 0.47
C LYS B 327 20.94 -4.67 -0.55
N GLU B 328 21.49 -4.30 -1.70
CA GLU B 328 20.70 -3.69 -2.76
C GLU B 328 19.69 -4.67 -3.33
N GLN B 329 20.15 -5.88 -3.62
CA GLN B 329 19.28 -6.91 -4.20
C GLN B 329 18.15 -7.29 -3.24
N ALA B 330 18.47 -7.41 -1.96
CA ALA B 330 17.45 -7.73 -0.95
C ALA B 330 16.36 -6.67 -0.93
N MET B 331 16.74 -5.41 -1.07
CA MET B 331 15.79 -4.30 -1.08
C MET B 331 14.90 -4.36 -2.31
N LEU B 332 15.51 -4.74 -3.43
CA LEU B 332 14.80 -4.84 -4.70
C LEU B 332 13.80 -5.98 -4.68
N VAL B 333 14.16 -7.08 -4.04
CA VAL B 333 13.30 -8.27 -4.09
C VAL B 333 12.23 -8.23 -2.99
N LYS B 334 12.59 -7.77 -1.80
CA LYS B 334 11.61 -7.67 -0.71
C LYS B 334 10.47 -6.73 -1.07
N GLY B 335 9.25 -7.22 -0.93
CA GLY B 335 8.05 -6.43 -1.16
C GLY B 335 7.74 -6.18 -2.62
N SER B 336 8.38 -6.94 -3.51
CA SER B 336 8.23 -6.73 -4.94
C SER B 336 6.99 -7.41 -5.54
N PHE B 337 5.83 -7.21 -4.91
CA PHE B 337 4.57 -7.68 -5.49
C PHE B 337 3.38 -6.94 -4.90
N ASP B 338 2.40 -6.63 -5.75
CA ASP B 338 1.13 -6.07 -5.32
C ASP B 338 0.19 -7.17 -4.84
N PHE B 339 0.34 -8.34 -5.43
CA PHE B 339 -0.45 -9.51 -5.07
C PHE B 339 0.39 -10.75 -5.27
N LEU B 340 0.00 -11.81 -4.61
CA LEU B 340 0.66 -13.11 -4.77
C LEU B 340 -0.29 -14.06 -5.50
N GLY B 341 0.18 -14.63 -6.60
CA GLY B 341 -0.57 -15.66 -7.27
C GLY B 341 -0.14 -17.01 -6.72
N LEU B 342 -1.10 -17.84 -6.33
CA LEU B 342 -0.77 -19.18 -5.84
C LEU B 342 -1.44 -20.25 -6.70
N ASN B 343 -0.65 -21.25 -7.06
CA ASN B 343 -1.13 -22.43 -7.75
C ASN B 343 -1.18 -23.59 -6.79
N TYR B 344 -2.35 -24.21 -6.65
CA TYR B 344 -2.51 -25.32 -5.73
C TYR B 344 -3.11 -26.53 -6.42
N TYR B 345 -2.50 -27.69 -6.20
CA TYR B 345 -2.99 -28.93 -6.79
C TYR B 345 -3.18 -30.03 -5.76
N ILE B 346 -2.12 -30.30 -4.99
CA ILE B 346 -2.13 -31.43 -4.07
C ILE B 346 -1.46 -31.17 -2.73
N ALA B 347 -1.67 -32.11 -1.83
CA ALA B 347 -0.86 -32.24 -0.62
C ALA B 347 -0.09 -33.57 -0.72
N ASN B 348 1.04 -33.64 -0.02
CA ASN B 348 1.82 -34.88 0.08
C ASN B 348 2.18 -35.15 1.53
N TYR B 349 2.29 -36.41 1.90
CA TYR B 349 2.94 -36.75 3.16
C TYR B 349 4.44 -36.55 3.00
N VAL B 350 5.12 -36.25 4.10
CA VAL B 350 6.56 -36.06 4.05
C VAL B 350 7.26 -36.90 5.11
N LEU B 351 8.28 -37.64 4.70
CA LEU B 351 9.11 -38.44 5.58
C LEU B 351 10.49 -37.81 5.77
N ASN B 352 11.02 -37.89 6.98
CA ASN B 352 12.40 -37.55 7.21
C ASN B 352 13.34 -38.48 6.44
N VAL B 353 14.41 -37.91 5.90
CA VAL B 353 15.48 -38.70 5.29
C VAL B 353 16.79 -38.37 5.98
N PRO B 354 17.39 -39.34 6.68
CA PRO B 354 18.68 -39.08 7.32
C PRO B 354 19.77 -38.74 6.30
N THR B 355 20.78 -37.99 6.74
CA THR B 355 21.95 -37.77 5.89
C THR B 355 22.61 -39.13 5.61
N SER B 356 23.25 -39.25 4.47
CA SER B 356 23.98 -40.46 4.12
C SER B 356 25.10 -40.13 3.17
N ASN B 357 26.13 -40.97 3.14
CA ASN B 357 27.21 -40.81 2.19
C ASN B 357 26.80 -41.24 0.79
N SER B 358 25.75 -42.04 0.71
CA SER B 358 25.25 -42.53 -0.56
C SER B 358 24.55 -41.39 -1.33
N VAL B 359 24.42 -40.25 -0.67
CA VAL B 359 23.75 -39.08 -1.22
C VAL B 359 24.27 -38.66 -2.59
N ASN B 360 23.34 -38.50 -3.52
CA ASN B 360 23.61 -37.86 -4.79
C ASN B 360 23.28 -36.38 -4.68
N LEU B 361 24.29 -35.51 -4.75
CA LEU B 361 24.09 -34.10 -4.46
C LEU B 361 23.09 -33.45 -5.43
N SER B 362 22.02 -32.92 -4.87
CA SER B 362 20.99 -32.26 -5.68
C SER B 362 20.11 -31.40 -4.79
N TYR B 363 19.48 -30.40 -5.39
CA TYR B 363 18.50 -29.59 -4.68
C TYR B 363 17.45 -30.47 -4.02
N THR B 364 17.00 -31.49 -4.76
CA THR B 364 15.97 -32.38 -4.27
C THR B 364 16.38 -33.12 -3.00
N THR B 365 17.62 -33.59 -2.94
CA THR B 365 18.05 -34.33 -1.74
C THR B 365 18.58 -33.42 -0.64
N ASP B 366 18.83 -32.15 -0.95
CA ASP B 366 19.34 -31.19 0.05
C ASP B 366 18.39 -31.01 1.23
N SER B 367 17.09 -31.17 1.01
CA SER B 367 16.08 -30.89 2.04
C SER B 367 15.92 -32.01 3.04
N LEU B 368 16.62 -33.13 2.83
CA LEU B 368 16.53 -34.29 3.73
C LEU B 368 15.07 -34.68 3.98
N SER B 369 14.30 -34.72 2.91
CA SER B 369 12.88 -35.03 3.01
C SER B 369 12.45 -35.86 1.82
N ASN B 370 11.40 -36.65 2.00
CA ASN B 370 10.88 -37.46 0.93
C ASN B 370 9.38 -37.44 0.94
N GLN B 371 8.78 -37.12 -0.19
CA GLN B 371 7.33 -37.00 -0.26
C GLN B 371 6.67 -38.26 -0.80
N THR B 372 5.48 -38.55 -0.29
CA THR B 372 4.70 -39.66 -0.79
C THR B 372 3.22 -39.34 -0.60
N ALA B 373 2.40 -39.82 -1.52
CA ALA B 373 0.96 -39.57 -1.43
C ALA B 373 0.25 -40.66 -0.64
N PHE B 374 1.01 -41.62 -0.11
CA PHE B 374 0.43 -42.77 0.57
C PHE B 374 0.94 -42.93 2.00
N ARG B 375 0.05 -43.32 2.89
CA ARG B 375 0.40 -43.65 4.26
C ARG B 375 -0.04 -45.08 4.56
N ASN B 376 0.93 -45.96 4.78
CA ASN B 376 0.72 -47.40 4.83
C ASN B 376 -0.15 -47.86 3.66
N GLY B 377 0.18 -47.41 2.46
CA GLY B 377 -0.50 -47.86 1.27
C GLY B 377 -1.73 -47.06 0.88
N VAL B 378 -2.27 -46.28 1.81
CA VAL B 378 -3.54 -45.61 1.59
C VAL B 378 -3.34 -44.16 1.17
N ALA B 379 -4.01 -43.76 0.09
CA ALA B 379 -3.79 -42.44 -0.50
C ALA B 379 -4.30 -41.32 0.39
N ILE B 380 -3.73 -40.14 0.19
CA ILE B 380 -4.05 -38.97 0.99
C ILE B 380 -5.41 -38.36 0.61
N GLY B 381 -5.96 -38.75 -0.52
CA GLY B 381 -7.27 -38.25 -0.94
C GLY B 381 -7.90 -39.05 -2.06
N ARG B 382 -9.03 -38.57 -2.58
CA ARG B 382 -9.67 -39.20 -3.73
C ARG B 382 -8.73 -39.21 -4.93
N PRO B 383 -8.67 -40.33 -5.64
CA PRO B 383 -7.85 -40.46 -6.85
C PRO B 383 -8.30 -39.52 -7.97
N THR B 384 -7.36 -39.18 -8.85
CA THR B 384 -7.66 -38.48 -10.10
C THR B 384 -7.07 -39.30 -11.24
N GLY B 385 -7.11 -38.74 -12.46
CA GLY B 385 -6.51 -39.41 -13.60
C GLY B 385 -5.01 -39.28 -13.67
N VAL B 386 -4.44 -38.47 -12.76
CA VAL B 386 -3.01 -38.29 -12.67
C VAL B 386 -2.47 -39.06 -11.47
N PRO B 387 -1.56 -40.02 -11.72
CA PRO B 387 -1.08 -40.93 -10.67
C PRO B 387 -0.63 -40.26 -9.37
N ALA B 388 0.13 -39.17 -9.44
CA ALA B 388 0.66 -38.59 -8.19
C ALA B 388 -0.37 -37.72 -7.46
N PHE B 389 -1.47 -37.41 -8.15
CA PHE B 389 -2.39 -36.36 -7.70
C PHE B 389 -3.69 -36.88 -7.07
N PHE B 390 -3.86 -36.60 -5.79
CA PHE B 390 -5.09 -36.95 -5.09
C PHE B 390 -5.76 -35.68 -4.59
N MET B 391 -7.07 -35.74 -4.36
CA MET B 391 -7.82 -34.56 -3.95
C MET B 391 -7.63 -34.26 -2.47
N TYR B 392 -7.09 -33.09 -2.16
CA TYR B 392 -6.97 -32.68 -0.77
C TYR B 392 -7.36 -31.20 -0.60
N PRO B 393 -8.66 -30.91 -0.71
CA PRO B 393 -9.14 -29.52 -0.68
C PRO B 393 -8.81 -28.76 0.60
N LYS B 394 -8.70 -29.47 1.73
CA LYS B 394 -8.35 -28.82 2.99
C LYS B 394 -6.98 -28.10 2.89
N GLY B 395 -6.09 -28.66 2.08
CA GLY B 395 -4.76 -28.11 1.92
C GLY B 395 -4.74 -26.74 1.27
N LEU B 396 -5.76 -26.43 0.48
CA LEU B 396 -5.89 -25.10 -0.11
C LEU B 396 -6.05 -24.06 1.01
N LYS B 397 -6.97 -24.33 1.93
CA LYS B 397 -7.16 -23.44 3.08
C LYS B 397 -5.92 -23.42 3.97
N ASP B 398 -5.37 -24.61 4.25
CA ASP B 398 -4.16 -24.73 5.07
C ASP B 398 -3.05 -23.81 4.56
N LEU B 399 -2.82 -23.87 3.26
CA LEU B 399 -1.78 -23.07 2.61
C LEU B 399 -2.06 -21.58 2.69
N LEU B 400 -3.33 -21.21 2.51
CA LEU B 400 -3.71 -19.81 2.50
C LEU B 400 -3.59 -19.20 3.90
N VAL B 401 -4.01 -19.94 4.92
CA VAL B 401 -3.91 -19.44 6.29
C VAL B 401 -2.45 -19.30 6.70
N TYR B 402 -1.64 -20.32 6.37
CA TYR B 402 -0.20 -20.28 6.57
C TYR B 402 0.41 -19.03 5.92
N THR B 403 0.05 -18.77 4.67
CA THR B 403 0.59 -17.62 3.94
C THR B 403 0.19 -16.29 4.59
N LYS B 404 -1.08 -16.16 4.94
CA LYS B 404 -1.57 -14.99 5.66
C LYS B 404 -0.79 -14.75 6.95
N GLU B 405 -0.57 -15.82 7.71
CA GLU B 405 0.04 -15.69 9.03
C GLU B 405 1.56 -15.42 8.99
N LYS B 406 2.26 -15.95 8.00
CA LYS B 406 3.71 -15.80 7.92
C LYS B 406 4.16 -14.58 7.14
N TYR B 407 3.36 -14.17 6.15
CA TYR B 407 3.82 -13.19 5.18
C TYR B 407 2.93 -11.95 5.13
N ASN B 408 2.43 -11.57 6.31
CA ASN B 408 1.75 -10.29 6.53
C ASN B 408 0.50 -10.08 5.67
N ASP B 409 -0.34 -11.10 5.60
CA ASP B 409 -1.69 -10.94 5.06
C ASP B 409 -1.71 -10.35 3.65
N PRO B 410 -1.02 -10.99 2.69
CA PRO B 410 -0.96 -10.43 1.34
C PRO B 410 -2.26 -10.63 0.56
N VAL B 411 -2.45 -9.82 -0.48
CA VAL B 411 -3.52 -10.02 -1.43
C VAL B 411 -3.18 -11.24 -2.30
N ILE B 412 -4.14 -12.14 -2.45
CA ILE B 412 -3.85 -13.41 -3.13
C ILE B 412 -4.86 -13.69 -4.24
N TYR B 413 -4.36 -14.17 -5.37
CA TYR B 413 -5.19 -14.79 -6.40
C TYR B 413 -4.82 -16.26 -6.52
N ILE B 414 -5.80 -17.14 -6.57
CA ILE B 414 -5.50 -18.52 -6.94
C ILE B 414 -5.38 -18.58 -8.44
N THR B 415 -4.15 -18.64 -8.96
CA THR B 415 -3.96 -18.52 -10.39
C THR B 415 -4.00 -19.85 -11.13
N GLU B 416 -3.95 -20.96 -10.39
CA GLU B 416 -4.24 -22.30 -10.93
C GLU B 416 -4.82 -23.22 -9.86
N ASN B 417 -5.87 -23.96 -10.22
CA ASN B 417 -6.37 -25.07 -9.39
C ASN B 417 -7.21 -25.97 -10.29
N GLY B 418 -6.90 -27.27 -10.29
CA GLY B 418 -7.60 -28.20 -11.17
C GLY B 418 -7.12 -29.64 -11.05
N MET B 419 -7.71 -30.51 -11.87
CA MET B 419 -7.37 -31.94 -11.86
C MET B 419 -7.36 -32.50 -13.27
N GLY B 420 -6.64 -33.60 -13.46
CA GLY B 420 -6.52 -34.19 -14.79
C GLY B 420 -7.23 -35.51 -14.92
N ASP B 421 -7.79 -35.75 -16.10
CA ASP B 421 -8.31 -37.06 -16.49
C ASP B 421 -7.31 -37.73 -17.42
N ASN B 422 -7.22 -39.05 -17.37
CA ASN B 422 -6.39 -39.75 -18.34
C ASN B 422 -7.09 -39.73 -19.69
N ASN B 423 -6.32 -39.49 -20.75
CA ASN B 423 -6.87 -39.43 -22.10
C ASN B 423 -6.98 -40.81 -22.73
N ASN B 424 -7.93 -41.62 -22.25
CA ASN B 424 -8.10 -42.96 -22.79
C ASN B 424 -9.57 -43.39 -22.82
N VAL B 425 -10.47 -42.41 -22.88
CA VAL B 425 -11.89 -42.68 -23.08
C VAL B 425 -12.41 -41.87 -24.26
N THR B 426 -13.65 -42.13 -24.66
CA THR B 426 -14.24 -41.46 -25.81
C THR B 426 -14.54 -39.99 -25.50
N THR B 427 -14.70 -39.19 -26.54
CA THR B 427 -15.10 -37.79 -26.40
C THR B 427 -16.39 -37.69 -25.59
N GLU B 428 -17.34 -38.56 -25.91
CA GLU B 428 -18.64 -38.53 -25.25
C GLU B 428 -18.53 -38.75 -23.74
N GLU B 429 -17.65 -39.67 -23.33
CA GLU B 429 -17.45 -39.93 -21.91
C GLU B 429 -16.55 -38.88 -21.27
N GLY B 430 -15.58 -38.37 -22.04
CA GLY B 430 -14.65 -37.38 -21.52
C GLY B 430 -15.35 -36.09 -21.10
N ILE B 431 -16.44 -35.77 -21.78
CA ILE B 431 -17.21 -34.56 -21.50
C ILE B 431 -17.96 -34.67 -20.17
N LYS B 432 -18.40 -35.88 -19.83
CA LYS B 432 -19.06 -36.13 -18.56
C LYS B 432 -18.04 -36.24 -17.43
N ASP B 433 -17.80 -35.14 -16.72
CA ASP B 433 -16.79 -35.13 -15.68
C ASP B 433 -17.30 -34.73 -14.29
N PRO B 434 -18.19 -35.56 -13.69
CA PRO B 434 -18.68 -35.25 -12.34
C PRO B 434 -17.56 -35.22 -11.31
N GLN B 435 -16.46 -35.91 -11.60
CA GLN B 435 -15.31 -35.93 -10.72
C GLN B 435 -14.71 -34.52 -10.60
N ARG B 436 -14.75 -33.79 -11.70
CA ARG B 436 -14.20 -32.44 -11.74
C ARG B 436 -15.18 -31.44 -11.12
N VAL B 437 -16.47 -31.70 -11.30
CA VAL B 437 -17.50 -30.92 -10.62
C VAL B 437 -17.32 -31.04 -9.12
N TYR B 438 -17.13 -32.27 -8.66
CA TYR B 438 -16.86 -32.52 -7.24
C TYR B 438 -15.61 -31.77 -6.79
N PHE B 439 -14.55 -31.90 -7.57
CA PHE B 439 -13.27 -31.25 -7.29
C PHE B 439 -13.44 -29.75 -7.04
N TYR B 440 -14.10 -29.08 -7.97
CA TYR B 440 -14.27 -27.63 -7.88
C TYR B 440 -15.25 -27.23 -6.78
N ASN B 441 -16.29 -28.03 -6.56
CA ASN B 441 -17.20 -27.77 -5.46
C ASN B 441 -16.44 -27.78 -4.12
N GLN B 442 -15.65 -28.82 -3.90
CA GLN B 442 -14.93 -28.98 -2.65
C GLN B 442 -13.84 -27.93 -2.47
N HIS B 443 -13.11 -27.62 -3.54
CA HIS B 443 -12.03 -26.65 -3.42
C HIS B 443 -12.57 -25.23 -3.28
N LEU B 444 -13.69 -24.93 -3.91
CA LEU B 444 -14.29 -23.61 -3.75
C LEU B 444 -14.90 -23.47 -2.35
N LEU B 445 -15.43 -24.56 -1.80
CA LEU B 445 -15.90 -24.52 -0.42
C LEU B 445 -14.75 -24.24 0.53
N SER B 446 -13.61 -24.87 0.27
CA SER B 446 -12.42 -24.69 1.08
C SER B 446 -11.90 -23.26 0.95
N LEU B 447 -11.99 -22.70 -0.26
CA LEU B 447 -11.57 -21.33 -0.51
C LEU B 447 -12.47 -20.36 0.25
N LYS B 448 -13.77 -20.65 0.24
CA LYS B 448 -14.73 -19.84 0.99
C LYS B 448 -14.35 -19.82 2.48
N ASN B 449 -13.99 -20.98 3.01
CA ASN B 449 -13.54 -21.10 4.39
C ASN B 449 -12.29 -20.26 4.68
N ALA B 450 -11.38 -20.20 3.71
CA ALA B 450 -10.14 -19.43 3.89
C ALA B 450 -10.43 -17.94 3.98
N ILE B 451 -11.33 -17.47 3.12
CA ILE B 451 -11.75 -16.07 3.11
C ILE B 451 -12.44 -15.74 4.43
N ALA B 452 -13.21 -16.68 4.96
CA ALA B 452 -13.86 -16.51 6.26
C ALA B 452 -12.83 -16.42 7.38
N ALA B 453 -11.66 -17.02 7.17
CA ALA B 453 -10.59 -16.96 8.15
C ALA B 453 -9.75 -15.70 7.96
N GLY B 454 -10.14 -14.86 7.02
CA GLY B 454 -9.52 -13.56 6.85
C GLY B 454 -8.44 -13.49 5.79
N VAL B 455 -8.26 -14.56 5.02
CA VAL B 455 -7.30 -14.52 3.92
C VAL B 455 -7.83 -13.62 2.83
N LYS B 456 -6.98 -12.75 2.31
CA LYS B 456 -7.42 -11.75 1.34
C LYS B 456 -7.34 -12.26 -0.09
N VAL B 457 -8.15 -13.27 -0.40
CA VAL B 457 -8.24 -13.83 -1.73
C VAL B 457 -9.15 -12.97 -2.60
N LYS B 458 -8.68 -12.61 -3.79
CA LYS B 458 -9.42 -11.70 -4.66
C LYS B 458 -9.89 -12.35 -5.95
N GLY B 459 -9.43 -13.56 -6.22
CA GLY B 459 -9.79 -14.23 -7.46
C GLY B 459 -9.36 -15.69 -7.51
N TYR B 460 -9.89 -16.41 -8.48
CA TYR B 460 -9.70 -17.85 -8.59
C TYR B 460 -9.77 -18.29 -10.06
N PHE B 461 -8.74 -18.98 -10.52
CA PHE B 461 -8.66 -19.41 -11.92
C PHE B 461 -8.53 -20.93 -12.05
N THR B 462 -9.42 -21.53 -12.84
CA THR B 462 -9.34 -22.96 -13.11
C THR B 462 -8.22 -23.32 -14.07
N TRP B 463 -7.34 -24.23 -13.67
CA TRP B 463 -6.51 -24.90 -14.67
C TRP B 463 -7.22 -26.19 -15.05
N ALA B 464 -7.67 -26.31 -16.30
CA ALA B 464 -7.40 -25.35 -17.37
C ALA B 464 -8.67 -24.99 -18.12
N PHE B 465 -8.59 -23.94 -18.93
CA PHE B 465 -9.66 -23.58 -19.86
C PHE B 465 -9.95 -24.74 -20.81
N LEU B 466 -8.92 -25.15 -21.57
CA LEU B 466 -9.01 -26.26 -22.51
C LEU B 466 -8.07 -27.40 -22.12
N ASP B 467 -8.42 -28.62 -22.51
CA ASP B 467 -7.44 -29.70 -22.53
C ASP B 467 -6.31 -29.24 -23.42
N ASN B 468 -5.07 -29.42 -22.98
CA ASN B 468 -3.94 -28.79 -23.65
C ASN B 468 -2.69 -29.65 -23.60
N PHE B 469 -1.58 -29.10 -24.08
CA PHE B 469 -0.31 -29.81 -24.01
C PHE B 469 0.27 -29.72 -22.60
N GLU B 470 0.16 -30.81 -21.85
CA GLU B 470 0.57 -30.80 -20.45
C GLU B 470 2.03 -31.16 -20.28
N TRP B 471 2.90 -30.36 -20.91
CA TRP B 471 4.35 -30.46 -20.78
C TRP B 471 4.85 -31.90 -20.95
N LEU B 472 5.54 -32.46 -19.95
CA LEU B 472 6.13 -33.79 -20.13
C LEU B 472 5.10 -34.91 -20.32
N SER B 473 3.83 -34.63 -19.99
CA SER B 473 2.77 -35.62 -20.16
C SER B 473 2.07 -35.51 -21.51
N GLY B 474 2.48 -34.54 -22.33
CA GLY B 474 1.88 -34.34 -23.63
C GLY B 474 0.37 -34.21 -23.56
N TYR B 475 -0.34 -34.96 -24.40
CA TYR B 475 -1.79 -34.87 -24.44
C TYR B 475 -2.46 -36.04 -23.71
N THR B 476 -1.71 -36.70 -22.84
CA THR B 476 -2.22 -37.87 -22.12
C THR B 476 -3.08 -37.51 -20.91
N GLN B 477 -3.07 -36.23 -20.54
CA GLN B 477 -3.81 -35.79 -19.37
C GLN B 477 -4.65 -34.56 -19.69
N ARG B 478 -5.94 -34.63 -19.35
CA ARG B 478 -6.90 -33.59 -19.67
C ARG B 478 -7.31 -32.80 -18.43
N PHE B 479 -6.88 -31.53 -18.36
CA PHE B 479 -7.18 -30.68 -17.21
C PHE B 479 -8.29 -29.67 -17.49
N GLY B 480 -8.79 -29.65 -18.71
CA GLY B 480 -9.72 -28.61 -19.11
C GLY B 480 -11.09 -28.71 -18.49
N ILE B 481 -11.78 -27.57 -18.39
CA ILE B 481 -13.22 -27.58 -18.16
C ILE B 481 -13.92 -27.60 -19.52
N VAL B 482 -13.12 -27.48 -20.57
CA VAL B 482 -13.62 -27.64 -21.93
C VAL B 482 -12.83 -28.74 -22.62
N TYR B 483 -13.54 -29.72 -23.16
CA TYR B 483 -12.91 -30.85 -23.83
C TYR B 483 -12.40 -30.45 -25.22
N VAL B 484 -11.21 -30.93 -25.58
CA VAL B 484 -10.70 -30.72 -26.92
C VAL B 484 -10.45 -32.08 -27.57
N ASP B 485 -11.19 -32.35 -28.64
CA ASP B 485 -11.06 -33.61 -29.36
C ASP B 485 -9.89 -33.52 -30.33
N PHE B 486 -8.71 -33.90 -29.87
CA PHE B 486 -7.50 -33.76 -30.66
C PHE B 486 -7.53 -34.61 -31.94
N LYS B 487 -8.26 -35.72 -31.88
CA LYS B 487 -8.34 -36.61 -33.05
C LYS B 487 -9.41 -36.16 -34.04
N ASP B 488 -10.23 -35.18 -33.65
CA ASP B 488 -11.28 -34.70 -34.55
C ASP B 488 -11.24 -33.17 -34.70
N GLY B 489 -10.19 -32.68 -35.34
CA GLY B 489 -10.10 -31.28 -35.70
C GLY B 489 -10.02 -30.30 -34.55
N LEU B 490 -9.55 -30.76 -33.40
CA LEU B 490 -9.40 -29.94 -32.19
C LEU B 490 -10.73 -29.29 -31.78
N LYS B 491 -11.83 -30.01 -31.96
CA LYS B 491 -13.15 -29.45 -31.64
C LYS B 491 -13.33 -29.26 -30.14
N ARG B 492 -14.00 -28.16 -29.79
CA ARG B 492 -14.25 -27.80 -28.40
C ARG B 492 -15.63 -28.26 -27.93
N TYR B 493 -15.69 -28.88 -26.76
CA TYR B 493 -16.95 -29.22 -26.11
C TYR B 493 -16.90 -28.88 -24.63
N PRO B 494 -17.74 -27.94 -24.18
CA PRO B 494 -17.83 -27.66 -22.74
C PRO B 494 -18.11 -28.92 -21.94
N LYS B 495 -17.35 -29.16 -20.88
CA LYS B 495 -17.59 -30.31 -20.03
C LYS B 495 -18.70 -30.00 -19.03
N HIS B 496 -19.13 -31.01 -18.29
CA HIS B 496 -20.13 -30.79 -17.25
C HIS B 496 -19.61 -29.79 -16.22
N SER B 497 -18.30 -29.79 -16.00
CA SER B 497 -17.69 -28.84 -15.07
C SER B 497 -17.87 -27.39 -15.54
N ALA B 498 -17.76 -27.18 -16.85
CA ALA B 498 -17.95 -25.85 -17.42
C ALA B 498 -19.38 -25.37 -17.22
N LEU B 499 -20.33 -26.28 -17.45
CA LEU B 499 -21.74 -25.94 -17.26
C LEU B 499 -22.06 -25.72 -15.78
N TRP B 500 -21.38 -26.46 -14.91
CA TRP B 500 -21.54 -26.26 -13.47
C TRP B 500 -21.05 -24.88 -13.06
N PHE B 501 -19.92 -24.48 -13.62
CA PHE B 501 -19.39 -23.16 -13.35
C PHE B 501 -20.31 -22.06 -13.85
N LYS B 502 -20.79 -22.22 -15.07
CA LYS B 502 -21.75 -21.30 -15.68
C LYS B 502 -22.92 -21.04 -14.73
N LYS B 503 -23.46 -22.12 -14.15
CA LYS B 503 -24.55 -21.99 -13.19
C LYS B 503 -24.09 -21.34 -11.88
N PHE B 504 -22.93 -21.75 -11.39
CA PHE B 504 -22.33 -21.17 -10.19
C PHE B 504 -22.14 -19.66 -10.34
N LEU B 505 -21.77 -19.24 -11.55
CA LEU B 505 -21.49 -17.83 -11.82
C LEU B 505 -22.75 -17.03 -12.09
N LEU B 506 -23.90 -17.69 -11.94
CA LEU B 506 -25.21 -17.09 -12.17
C LEU B 506 -25.33 -16.54 -13.59
C1 NAG C . 0.37 -7.32 22.67
C2 NAG C . 0.45 -8.29 23.84
C3 NAG C . 0.13 -9.71 23.37
C4 NAG C . -1.20 -9.75 22.63
C5 NAG C . -1.18 -8.75 21.49
C6 NAG C . -2.50 -8.64 20.76
C7 NAG C . 1.98 -7.68 25.66
C8 NAG C . 3.39 -7.71 26.15
N2 NAG C . 1.77 -8.24 24.47
O3 NAG C . 0.09 -10.58 24.51
O4 NAG C . -1.39 -11.07 22.10
O5 NAG C . -0.90 -7.44 22.02
O6 NAG C . -3.51 -8.14 21.63
O7 NAG C . 1.07 -7.17 26.31
C1 NAG C . -2.70 -11.61 22.39
C2 NAG C . -2.94 -12.80 21.45
C3 NAG C . -4.32 -13.41 21.71
C4 NAG C . -4.52 -13.70 23.19
C5 NAG C . -4.22 -12.46 24.02
C6 NAG C . -4.29 -12.69 25.51
C7 NAG C . -1.71 -12.59 19.34
C8 NAG C . -1.76 -12.11 17.92
N2 NAG C . -2.81 -12.40 20.07
O3 NAG C . -4.45 -14.62 20.96
O4 NAG C . -5.87 -14.10 23.40
O5 NAG C . -2.88 -12.01 23.73
O6 NAG C . -4.42 -11.46 26.22
O7 NAG C . -0.71 -13.12 19.81
C1 BMA C . -5.96 -15.37 24.08
C2 BMA C . -7.43 -15.61 24.46
C3 BMA C . -7.57 -16.94 25.20
C4 BMA C . -6.88 -18.09 24.42
C5 BMA C . -5.42 -17.71 24.09
C6 BMA C . -4.70 -18.73 23.23
O2 BMA C . -8.24 -15.74 23.28
O3 BMA C . -8.94 -17.27 25.46
O4 BMA C . -6.89 -19.27 25.21
O5 BMA C . -5.40 -16.45 23.37
O6 BMA C . -3.30 -18.44 23.27
C1 FUC C . -4.81 -8.47 21.12
C2 FUC C . -5.81 -8.38 22.27
C3 FUC C . -5.90 -6.94 22.77
C4 FUC C . -6.25 -5.98 21.60
C5 FUC C . -5.30 -6.22 20.40
C6 FUC C . -5.79 -5.54 19.12
O2 FUC C . -5.49 -9.27 23.34
O3 FUC C . -6.91 -6.81 23.77
O4 FUC C . -7.59 -6.16 21.21
O5 FUC C . -5.19 -7.63 20.07
C1 NAG D . -14.90 21.01 35.62
C2 NAG D . -16.22 20.93 36.38
C3 NAG D . -17.00 19.71 35.94
C4 NAG D . -17.17 19.68 34.42
C5 NAG D . -15.81 19.85 33.73
C6 NAG D . -15.91 20.00 32.23
C7 NAG D . -15.98 21.99 38.58
C8 NAG D . -15.73 21.77 40.04
N2 NAG D . -15.99 20.89 37.81
O3 NAG D . -18.28 19.73 36.56
O4 NAG D . -17.78 18.46 34.02
O5 NAG D . -15.15 21.01 34.22
O6 NAG D . -16.68 21.16 31.88
O7 NAG D . -16.17 23.11 38.10
C1 NAG D . -18.88 18.75 33.15
C2 NAG D . -19.22 17.50 32.32
C3 NAG D . -20.44 17.75 31.41
C4 NAG D . -21.58 18.43 32.17
C5 NAG D . -21.04 19.65 32.89
C6 NAG D . -22.08 20.42 33.67
C7 NAG D . -17.24 16.10 31.80
C8 NAG D . -17.55 15.34 33.05
N2 NAG D . -18.08 17.11 31.50
O3 NAG D . -20.89 16.51 30.88
O4 NAG D . -22.60 18.84 31.26
O5 NAG D . -20.04 19.21 33.83
O6 NAG D . -22.76 19.58 34.61
O7 NAG D . -16.28 15.82 31.09
C13 ZPA E . -11.29 22.91 15.03
C14 ZPA E . -10.37 21.99 14.57
C15 ZPA E . -9.44 21.43 15.44
C16 ZPA E . -9.45 21.79 16.78
C17 ZPA E . -10.37 22.72 17.24
C12 ZPA E . -11.30 23.30 16.37
C11 ZPA E . -12.34 24.30 16.89
N8 ZPA E . -12.03 25.75 16.91
C7 ZPA E . -12.17 26.49 15.70
O7 ZPA E . -12.84 26.13 14.74
C9 ZPA E . -10.88 26.22 17.58
O9 ZPA E . -10.14 25.57 18.32
C10 ZPA E . -10.72 27.70 17.21
C6 ZPA E . -11.42 27.83 15.85
S5 ZPA E . -10.21 28.10 14.49
C4 ZPA E . -9.51 26.41 14.29
C3 ZPA E . -8.37 26.03 15.26
C2 ZPA E . -8.02 24.56 14.99
C1 ZPA E . -7.09 23.89 16.02
N2 ZPA E . -7.12 24.26 17.28
N1 ZPA E . -6.33 22.91 15.58
C1' ZPA E . -5.39 22.16 16.40
O5' ZPA E . -6.03 21.88 17.66
C2' ZPA E . -4.03 22.90 16.41
O2' ZPA E . -3.21 22.45 15.32
C3' ZPA E . -3.26 22.73 17.72
O3' ZPA E . -2.23 23.72 17.80
C4' ZPA E . -4.24 22.88 18.87
O4' ZPA E . -3.55 22.92 20.13
C5' ZPA E . -5.20 21.69 18.82
C6' ZPA E . -6.11 21.70 20.01
O6' ZPA E . -6.83 22.93 19.82
C1A ZPA E . -7.74 23.20 20.87
O5A ZPA E . -9.02 22.64 20.54
C5A ZPA E . -10.06 23.03 21.47
C4A ZPA E . -10.19 24.56 21.57
O4A ZPA E . -11.22 24.90 22.52
C3A ZPA E . -8.84 25.15 21.97
O3A ZPA E . -8.89 26.58 22.03
C2A ZPA E . -7.81 24.73 20.93
O2A ZPA E . -6.52 25.29 21.23
C13 ZPA F . 4.23 -29.99 -9.47
C14 ZPA F . 3.62 -28.76 -9.21
C15 ZPA F . 2.48 -28.40 -9.93
C16 ZPA F . 1.95 -29.26 -10.89
C17 ZPA F . 2.58 -30.48 -11.15
C12 ZPA F . 3.72 -30.84 -10.45
C11 ZPA F . 4.38 -32.22 -10.70
N8 ZPA F . 5.49 -32.28 -11.70
C7 ZPA F . 6.79 -31.88 -11.36
O7 ZPA F . 7.24 -31.77 -10.21
C9 ZPA F . 5.24 -32.03 -13.07
O9 ZPA F . 4.14 -31.90 -13.59
C10 ZPA F . 6.61 -32.01 -13.79
C6 ZPA F . 7.62 -31.72 -12.65
S5 ZPA F . 8.31 -30.02 -12.77
C4 ZPA F . 6.91 -29.03 -12.13
C3 ZPA F . 5.84 -28.65 -13.17
C2 ZPA F . 4.76 -27.83 -12.46
C1 ZPA F . 3.45 -27.62 -13.23
N2 ZPA F . 3.06 -28.48 -14.14
N1 ZPA F . 2.75 -26.56 -12.89
C1' ZPA F . 1.48 -26.15 -13.45
O5' ZPA F . 0.66 -27.32 -13.57
C2' ZPA F . 1.80 -25.30 -14.71
O2' ZPA F . 1.89 -23.91 -14.35
C3' ZPA F . 0.74 -25.48 -15.80
O3' ZPA F . 1.26 -24.98 -17.03
C4' ZPA F . 0.41 -26.97 -15.90
O4' ZPA F . -0.42 -27.26 -17.03
C5' ZPA F . -0.31 -27.38 -14.62
C6' ZPA F . -0.77 -28.82 -14.72
O6' ZPA F . 0.47 -29.52 -14.86
C1A ZPA F . 0.29 -30.91 -15.09
O5A ZPA F . 0.32 -31.60 -13.84
C5A ZPA F . 0.26 -33.04 -13.99
C4A ZPA F . 1.45 -33.53 -14.80
O4A ZPA F . 1.37 -34.96 -14.96
C3A ZPA F . 1.45 -32.84 -16.16
O3A ZPA F . 2.60 -33.23 -16.93
C2A ZPA F . 1.49 -31.33 -15.93
O2A ZPA F . 1.48 -30.64 -17.17
C1 NAG G . -26.98 -18.09 -4.29
C2 NAG G . -28.49 -18.39 -4.35
C3 NAG G . -29.26 -17.57 -3.32
C4 NAG G . -28.60 -17.65 -1.94
C5 NAG G . -27.11 -17.33 -2.05
C6 NAG G . -26.38 -17.47 -0.75
C7 NAG G . -29.24 -19.05 -6.60
C8 NAG G . -29.76 -18.56 -7.92
N2 NAG G . -29.00 -18.11 -5.68
O3 NAG G . -30.58 -18.08 -3.23
O4 NAG G . -29.21 -16.70 -1.07
O5 NAG G . -26.52 -18.26 -2.96
O6 NAG G . -25.43 -16.42 -0.57
O7 NAG G . -29.03 -20.24 -6.38
C1 NAG H . -7.79 -45.64 -18.62
C2 NAG H . -8.25 -47.09 -18.53
C3 NAG H . -8.57 -47.47 -17.08
C4 NAG H . -7.40 -47.15 -16.18
C5 NAG H . -7.02 -45.68 -16.33
C6 NAG H . -5.80 -45.29 -15.52
C7 NAG H . -9.33 -47.78 -20.63
C8 NAG H . -10.62 -47.95 -21.36
N2 NAG H . -9.41 -47.31 -19.38
O3 NAG H . -8.87 -48.86 -17.02
O4 NAG H . -7.73 -47.42 -14.82
O5 NAG H . -6.70 -45.43 -17.71
O6 NAG H . -5.68 -43.88 -15.44
O7 NAG H . -8.25 -48.06 -21.14
#